data_1R2X
# 
_entry.id   1R2X 
# 
_audit_conform.dict_name       mmcif_pdbx.dic 
_audit_conform.dict_version    5.386 
_audit_conform.dict_location   http://mmcif.pdb.org/dictionaries/ascii/mmcif_pdbx.dic 
# 
loop_
_database_2.database_id 
_database_2.database_code 
_database_2.pdbx_database_accession 
_database_2.pdbx_DOI 
PDB   1R2X         pdb_00001r2x 10.2210/pdb1r2x/pdb 
RCSB  RCSB020370   ?            ?                   
WWPDB D_1000020370 ?            ?                   
# 
loop_
_pdbx_audit_revision_history.ordinal 
_pdbx_audit_revision_history.data_content_type 
_pdbx_audit_revision_history.major_revision 
_pdbx_audit_revision_history.minor_revision 
_pdbx_audit_revision_history.revision_date 
1 'Structure model' 1 0 2003-11-04 
2 'Structure model' 1 1 2008-04-29 
3 'Structure model' 1 2 2011-07-13 
4 'Structure model' 1 3 2013-12-04 
5 'Structure model' 1 4 2024-02-14 
# 
_pdbx_audit_revision_details.ordinal             1 
_pdbx_audit_revision_details.revision_ordinal    1 
_pdbx_audit_revision_details.data_content_type   'Structure model' 
_pdbx_audit_revision_details.provider            repository 
_pdbx_audit_revision_details.type                'Initial release' 
_pdbx_audit_revision_details.description         ? 
_pdbx_audit_revision_details.details             ? 
# 
loop_
_pdbx_audit_revision_group.ordinal 
_pdbx_audit_revision_group.revision_ordinal 
_pdbx_audit_revision_group.data_content_type 
_pdbx_audit_revision_group.group 
1 2 'Structure model' 'Version format compliance' 
2 3 'Structure model' 'Version format compliance' 
3 4 'Structure model' Other                       
4 5 'Structure model' 'Data collection'           
5 5 'Structure model' 'Database references'       
# 
loop_
_pdbx_audit_revision_category.ordinal 
_pdbx_audit_revision_category.revision_ordinal 
_pdbx_audit_revision_category.data_content_type 
_pdbx_audit_revision_category.category 
1 5 'Structure model' chem_comp_atom     
2 5 'Structure model' chem_comp_bond     
3 5 'Structure model' database_2         
4 5 'Structure model' em_image_scans     
5 5 'Structure model' struct_ref_seq_dif 
# 
loop_
_pdbx_audit_revision_item.ordinal 
_pdbx_audit_revision_item.revision_ordinal 
_pdbx_audit_revision_item.data_content_type 
_pdbx_audit_revision_item.item 
1 5 'Structure model' '_database_2.pdbx_DOI'                
2 5 'Structure model' '_database_2.pdbx_database_accession' 
3 5 'Structure model' '_struct_ref_seq_dif.details'         
# 
_pdbx_database_status.status_code                     REL 
_pdbx_database_status.entry_id                        1R2X 
_pdbx_database_status.recvd_initial_deposition_date   2003-09-30 
_pdbx_database_status.deposit_site                    RCSB 
_pdbx_database_status.process_site                    RCSB 
_pdbx_database_status.SG_entry                        . 
_pdbx_database_status.status_code_sf                  ? 
_pdbx_database_status.status_code_mr                  ? 
_pdbx_database_status.status_code_cs                  ? 
_pdbx_database_status.methods_development_category    ? 
_pdbx_database_status.pdb_format_compatible           Y 
_pdbx_database_status.status_code_nmr_data            ? 
# 
loop_
_pdbx_database_related.db_name 
_pdbx_database_related.db_id 
_pdbx_database_related.details 
_pdbx_database_related.content_type 
PDB  1FFK     'Crystal Structure Of The Large Ribosomal Subunit From Haloarcula Marismortui At 2.4 Angstrom Resolution' 
unspecified            
PDB  1QZA     
'Coordinates of the A/T site tRNA model fitted into the cryo-EM map of EF-Tu ternary complex (GDP.Kirromycin) bound 70S ribosome' 
unspecified            
PDB  1QZB     'Coordinates of the A-site tRNA model fitted into the cryo-EM map of 70S ribosome in the pre-translocational state' 
unspecified            
PDB  1QZC     
;Coordinates of S12, SH44, LH69 and SRL separately fitted into the cryo-EM map of EF-Tu ternary complex (GDP.Kirromycin) bound 70S ribosome
;
unspecified            
PDB  1QZD     
'EF-Tu.kirromycin coordinates fitted into the cryo-EM map of EF-Tu ternary complex (GDP.Kirromycin) bound 70S ribosome' 
unspecified            
PDB  1R2W     
'Coordinates of L11 with 58nts of 23S rRNA fitted into the cryo-EM map of EF-Tu ternary complex (GDP.Kirromycin) bound 70S ribosome' 
unspecified            
EMDB EMD-1055 . 'associated EM volume' 
# 
loop_
_audit_author.name 
_audit_author.pdbx_ordinal 
'Valle, M.'     1  
'Zavialov, A.'  2  
'Li, W.'        3  
'Stagg, S.M.'   4  
'Sengupta, J.'  5  
'Nielsen, R.C.' 6  
'Nissen, P.'    7  
'Harvey, S.C.'  8  
'Ehrenberg, M.' 9  
'Frank, J.'     10 
# 
_citation.id                        primary 
_citation.title                     'Incorporation of aminoacyl-tRNA into the ribosome as seen by cryo-electron Microscopy' 
_citation.journal_abbrev            Nat.Struct.Biol. 
_citation.journal_volume            10 
_citation.page_first                899 
_citation.page_last                 906 
_citation.year                      2003 
_citation.journal_id_ASTM           NSBIEW 
_citation.country                   US 
_citation.journal_id_ISSN           1072-8368 
_citation.journal_id_CSD            2024 
_citation.book_publisher            ? 
_citation.pdbx_database_id_PubMed   14566331 
_citation.pdbx_database_id_DOI      10.1038/nsb1003 
# 
loop_
_citation_author.citation_id 
_citation_author.name 
_citation_author.ordinal 
_citation_author.identifier_ORCID 
primary 'Valle, M.'     1  ? 
primary 'Zavialov, A.'  2  ? 
primary 'Li, W.'        3  ? 
primary 'Stagg, S.M.'   4  ? 
primary 'Sengupta, J.'  5  ? 
primary 'Nielsen, R.C.' 6  ? 
primary 'Nissen, P.'    7  ? 
primary 'Harvey, S.C.'  8  ? 
primary 'Ehrenberg, M.' 9  ? 
primary 'Frank, J.'     10 ? 
# 
loop_
_entity.id 
_entity.type 
_entity.src_method 
_entity.pdbx_description 
_entity.formula_weight 
_entity.pdbx_number_of_molecules 
_entity.pdbx_ec 
_entity.pdbx_mutation 
_entity.pdbx_fragment 
_entity.details 
1 polymer syn '58nts of 23S rRNA'         18693.145 1 ? ? ? ? 
2 polymer nat '50S ribosomal protein L11' 15109.841 1 ? ? ? ? 
# 
loop_
_entity_poly.entity_id 
_entity_poly.type 
_entity_poly.nstd_linkage 
_entity_poly.nstd_monomer 
_entity_poly.pdbx_seq_one_letter_code 
_entity_poly.pdbx_seq_one_letter_code_can 
_entity_poly.pdbx_strand_id 
_entity_poly.pdbx_target_identifier 
1 polyribonucleotide no no GCUGGGAUGUUGGCUUAGAAGCAGCCAUCAUUUAAAGAGUGCGUAACAGCUCACCAGC 
GCUGGGAUGUUGGCUUAGAAGCAGCCAUCAUUUAAAGAGUGCGUAACAGCUCACCAGC C ? 
2 'polypeptide(L)'   no no 
;AKKVAAQIKLQLPAGKATPAPPVGPALGQHGVNIMEFCKRFNAETADKAGMILPVVITVYEDKSFTFIIKTEPPASFLLK
KAAGIEKGSSEPKRKIVGKVTRKQIEEIAKTKMPDLNANSLEAAMKIIEGTAKSMGIEVVD
;
;AKKVAAQIKLQLPAGKATPAPPVGPALGQHGVNIMEFCKRFNAETADKAGMILPVVITVYEDKSFTFIIKTEPPASFLLK
KAAGIEKGSSEPKRKIVGKVTRKQIEEIAKTKMPDLNANSLEAAMKIIEGTAKSMGIEVVD
;
A ? 
# 
loop_
_entity_poly_seq.entity_id 
_entity_poly_seq.num 
_entity_poly_seq.mon_id 
_entity_poly_seq.hetero 
1 1   G   n 
1 2   C   n 
1 3   U   n 
1 4   G   n 
1 5   G   n 
1 6   G   n 
1 7   A   n 
1 8   U   n 
1 9   G   n 
1 10  U   n 
1 11  U   n 
1 12  G   n 
1 13  G   n 
1 14  C   n 
1 15  U   n 
1 16  U   n 
1 17  A   n 
1 18  G   n 
1 19  A   n 
1 20  A   n 
1 21  G   n 
1 22  C   n 
1 23  A   n 
1 24  G   n 
1 25  C   n 
1 26  C   n 
1 27  A   n 
1 28  U   n 
1 29  C   n 
1 30  A   n 
1 31  U   n 
1 32  U   n 
1 33  U   n 
1 34  A   n 
1 35  A   n 
1 36  A   n 
1 37  G   n 
1 38  A   n 
1 39  G   n 
1 40  U   n 
1 41  G   n 
1 42  C   n 
1 43  G   n 
1 44  U   n 
1 45  A   n 
1 46  A   n 
1 47  C   n 
1 48  A   n 
1 49  G   n 
1 50  C   n 
1 51  U   n 
1 52  C   n 
1 53  A   n 
1 54  C   n 
1 55  C   n 
1 56  A   n 
1 57  G   n 
1 58  C   n 
2 1   ALA n 
2 2   LYS n 
2 3   LYS n 
2 4   VAL n 
2 5   ALA n 
2 6   ALA n 
2 7   GLN n 
2 8   ILE n 
2 9   LYS n 
2 10  LEU n 
2 11  GLN n 
2 12  LEU n 
2 13  PRO n 
2 14  ALA n 
2 15  GLY n 
2 16  LYS n 
2 17  ALA n 
2 18  THR n 
2 19  PRO n 
2 20  ALA n 
2 21  PRO n 
2 22  PRO n 
2 23  VAL n 
2 24  GLY n 
2 25  PRO n 
2 26  ALA n 
2 27  LEU n 
2 28  GLY n 
2 29  GLN n 
2 30  HIS n 
2 31  GLY n 
2 32  VAL n 
2 33  ASN n 
2 34  ILE n 
2 35  MET n 
2 36  GLU n 
2 37  PHE n 
2 38  CYS n 
2 39  LYS n 
2 40  ARG n 
2 41  PHE n 
2 42  ASN n 
2 43  ALA n 
2 44  GLU n 
2 45  THR n 
2 46  ALA n 
2 47  ASP n 
2 48  LYS n 
2 49  ALA n 
2 50  GLY n 
2 51  MET n 
2 52  ILE n 
2 53  LEU n 
2 54  PRO n 
2 55  VAL n 
2 56  VAL n 
2 57  ILE n 
2 58  THR n 
2 59  VAL n 
2 60  TYR n 
2 61  GLU n 
2 62  ASP n 
2 63  LYS n 
2 64  SER n 
2 65  PHE n 
2 66  THR n 
2 67  PHE n 
2 68  ILE n 
2 69  ILE n 
2 70  LYS n 
2 71  THR n 
2 72  GLU n 
2 73  PRO n 
2 74  PRO n 
2 75  ALA n 
2 76  SER n 
2 77  PHE n 
2 78  LEU n 
2 79  LEU n 
2 80  LYS n 
2 81  LYS n 
2 82  ALA n 
2 83  ALA n 
2 84  GLY n 
2 85  ILE n 
2 86  GLU n 
2 87  LYS n 
2 88  GLY n 
2 89  SER n 
2 90  SER n 
2 91  GLU n 
2 92  PRO n 
2 93  LYS n 
2 94  ARG n 
2 95  LYS n 
2 96  ILE n 
2 97  VAL n 
2 98  GLY n 
2 99  LYS n 
2 100 VAL n 
2 101 THR n 
2 102 ARG n 
2 103 LYS n 
2 104 GLN n 
2 105 ILE n 
2 106 GLU n 
2 107 GLU n 
2 108 ILE n 
2 109 ALA n 
2 110 LYS n 
2 111 THR n 
2 112 LYS n 
2 113 MET n 
2 114 PRO n 
2 115 ASP n 
2 116 LEU n 
2 117 ASN n 
2 118 ALA n 
2 119 ASN n 
2 120 SER n 
2 121 LEU n 
2 122 GLU n 
2 123 ALA n 
2 124 ALA n 
2 125 MET n 
2 126 LYS n 
2 127 ILE n 
2 128 ILE n 
2 129 GLU n 
2 130 GLY n 
2 131 THR n 
2 132 ALA n 
2 133 LYS n 
2 134 SER n 
2 135 MET n 
2 136 GLY n 
2 137 ILE n 
2 138 GLU n 
2 139 VAL n 
2 140 VAL n 
2 141 ASP n 
# 
_entity_src_nat.entity_id                  2 
_entity_src_nat.pdbx_src_id                1 
_entity_src_nat.pdbx_alt_source_flag       sample 
_entity_src_nat.pdbx_beg_seq_num           ? 
_entity_src_nat.pdbx_end_seq_num           ? 
_entity_src_nat.common_name                ? 
_entity_src_nat.pdbx_organism_scientific   'Thermotoga maritima' 
_entity_src_nat.pdbx_ncbi_taxonomy_id      2336 
_entity_src_nat.genus                      Thermotoga 
_entity_src_nat.species                    ? 
_entity_src_nat.strain                     ? 
_entity_src_nat.tissue                     ? 
_entity_src_nat.tissue_fraction            ? 
_entity_src_nat.pdbx_secretion             ? 
_entity_src_nat.pdbx_fragment              ? 
_entity_src_nat.pdbx_variant               ? 
_entity_src_nat.pdbx_cell_line             ? 
_entity_src_nat.pdbx_atcc                  ? 
_entity_src_nat.pdbx_cellular_location     ? 
_entity_src_nat.pdbx_organ                 ? 
_entity_src_nat.pdbx_organelle             ? 
_entity_src_nat.pdbx_cell                  ? 
_entity_src_nat.pdbx_plasmid_name          ? 
_entity_src_nat.pdbx_plasmid_details       ? 
_entity_src_nat.details                    ? 
# 
loop_
_chem_comp.id 
_chem_comp.type 
_chem_comp.mon_nstd_flag 
_chem_comp.name 
_chem_comp.pdbx_synonyms 
_chem_comp.formula 
_chem_comp.formula_weight 
A   'RNA linking'       y "ADENOSINE-5'-MONOPHOSPHATE" ? 'C10 H14 N5 O7 P' 347.221 
ALA 'L-peptide linking' y ALANINE                      ? 'C3 H7 N O2'      89.093  
ARG 'L-peptide linking' y ARGININE                     ? 'C6 H15 N4 O2 1'  175.209 
ASN 'L-peptide linking' y ASPARAGINE                   ? 'C4 H8 N2 O3'     132.118 
ASP 'L-peptide linking' y 'ASPARTIC ACID'              ? 'C4 H7 N O4'      133.103 
C   'RNA linking'       y "CYTIDINE-5'-MONOPHOSPHATE"  ? 'C9 H14 N3 O8 P'  323.197 
CYS 'L-peptide linking' y CYSTEINE                     ? 'C3 H7 N O2 S'    121.158 
G   'RNA linking'       y "GUANOSINE-5'-MONOPHOSPHATE" ? 'C10 H14 N5 O8 P' 363.221 
GLN 'L-peptide linking' y GLUTAMINE                    ? 'C5 H10 N2 O3'    146.144 
GLU 'L-peptide linking' y 'GLUTAMIC ACID'              ? 'C5 H9 N O4'      147.129 
GLY 'peptide linking'   y GLYCINE                      ? 'C2 H5 N O2'      75.067  
HIS 'L-peptide linking' y HISTIDINE                    ? 'C6 H10 N3 O2 1'  156.162 
ILE 'L-peptide linking' y ISOLEUCINE                   ? 'C6 H13 N O2'     131.173 
LEU 'L-peptide linking' y LEUCINE                      ? 'C6 H13 N O2'     131.173 
LYS 'L-peptide linking' y LYSINE                       ? 'C6 H15 N2 O2 1'  147.195 
MET 'L-peptide linking' y METHIONINE                   ? 'C5 H11 N O2 S'   149.211 
PHE 'L-peptide linking' y PHENYLALANINE                ? 'C9 H11 N O2'     165.189 
PRO 'L-peptide linking' y PROLINE                      ? 'C5 H9 N O2'      115.130 
SER 'L-peptide linking' y SERINE                       ? 'C3 H7 N O3'      105.093 
THR 'L-peptide linking' y THREONINE                    ? 'C4 H9 N O3'      119.119 
TYR 'L-peptide linking' y TYROSINE                     ? 'C9 H11 N O3'     181.189 
U   'RNA linking'       y "URIDINE-5'-MONOPHOSPHATE"   ? 'C9 H13 N2 O9 P'  324.181 
VAL 'L-peptide linking' y VALINE                       ? 'C5 H11 N O2'     117.146 
# 
loop_
_pdbx_poly_seq_scheme.asym_id 
_pdbx_poly_seq_scheme.entity_id 
_pdbx_poly_seq_scheme.seq_id 
_pdbx_poly_seq_scheme.mon_id 
_pdbx_poly_seq_scheme.ndb_seq_num 
_pdbx_poly_seq_scheme.pdb_seq_num 
_pdbx_poly_seq_scheme.auth_seq_num 
_pdbx_poly_seq_scheme.pdb_mon_id 
_pdbx_poly_seq_scheme.auth_mon_id 
_pdbx_poly_seq_scheme.pdb_strand_id 
_pdbx_poly_seq_scheme.pdb_ins_code 
_pdbx_poly_seq_scheme.hetero 
A 1 1   G   1   0   ?   ?   ?   C . n 
A 1 2   C   2   1   1   C   C   C . n 
A 1 3   U   3   2   2   U   U   C . n 
A 1 4   G   4   3   3   G   G   C . n 
A 1 5   G   5   4   4   G   G   C . n 
A 1 6   G   6   5   5   G   G   C . n 
A 1 7   A   7   6   6   A   A   C . n 
A 1 8   U   8   7   7   U   U   C . n 
A 1 9   G   9   8   8   G   G   C . n 
A 1 10  U   10  9   9   U   U   C . n 
A 1 11  U   11  10  10  U   U   C . n 
A 1 12  G   12  11  11  G   G   C . n 
A 1 13  G   13  12  12  G   G   C . n 
A 1 14  C   14  13  13  C   C   C . n 
A 1 15  U   15  14  14  U   U   C . n 
A 1 16  U   16  15  15  U   U   C . n 
A 1 17  A   17  16  16  A   A   C . n 
A 1 18  G   18  17  17  G   G   C . n 
A 1 19  A   19  18  18  A   A   C . n 
A 1 20  A   20  19  19  A   A   C . n 
A 1 21  G   21  20  20  G   G   C . n 
A 1 22  C   22  21  21  C   C   C . n 
A 1 23  A   23  22  22  A   A   C . n 
A 1 24  G   24  23  23  G   G   C . n 
A 1 25  C   25  24  24  C   C   C . n 
A 1 26  C   26  25  25  C   C   C . n 
A 1 27  A   27  26  26  A   A   C . n 
A 1 28  U   28  27  27  U   U   C . n 
A 1 29  C   29  28  28  C   C   C . n 
A 1 30  A   30  29  29  A   A   C . n 
A 1 31  U   31  30  30  U   U   C . n 
A 1 32  U   32  31  31  U   U   C . n 
A 1 33  U   33  32  32  U   U   C . n 
A 1 34  A   34  33  33  A   A   C . n 
A 1 35  A   35  34  34  A   A   C . n 
A 1 36  A   36  35  35  A   A   C . n 
A 1 37  G   37  36  36  G   G   C . n 
A 1 38  A   38  37  37  A   A   C . n 
A 1 39  G   39  38  38  G   G   C . n 
A 1 40  U   40  39  39  U   U   C . n 
A 1 41  G   41  40  40  G   G   C . n 
A 1 42  C   42  41  41  C   C   C . n 
A 1 43  G   43  42  42  G   G   C . n 
A 1 44  U   44  43  43  U   U   C . n 
A 1 45  A   45  44  44  A   A   C . n 
A 1 46  A   46  45  45  A   A   C . n 
A 1 47  C   47  46  46  C   C   C . n 
A 1 48  A   48  47  47  A   A   C . n 
A 1 49  G   49  48  48  G   G   C . n 
A 1 50  C   50  49  49  C   C   C . n 
A 1 51  U   51  50  50  U   U   C . n 
A 1 52  C   52  51  51  C   C   C . n 
A 1 53  A   53  52  52  A   A   C . n 
A 1 54  C   54  53  53  C   C   C . n 
A 1 55  C   55  54  54  C   C   C . n 
A 1 56  A   56  55  55  A   A   C . n 
A 1 57  G   57  56  56  G   G   C . n 
A 1 58  C   58  57  57  C   C   C . n 
B 2 1   ALA 1   -5  ?   ?   ?   A . n 
B 2 2   LYS 2   -4  ?   ?   ?   A . n 
B 2 3   LYS 3   -3  ?   ?   ?   A . n 
B 2 4   VAL 4   -2  ?   ?   ?   A . n 
B 2 5   ALA 5   -1  ?   ?   ?   A . n 
B 2 6   ALA 6   0   ?   ?   ?   A . n 
B 2 7   GLN 7   1   ?   ?   ?   A . n 
B 2 8   ILE 8   2   2   ILE ILE A . n 
B 2 9   LYS 9   3   3   LYS LYS A . n 
B 2 10  LEU 10  4   4   LEU LEU A . n 
B 2 11  GLN 11  5   5   GLN GLN A . n 
B 2 12  LEU 12  6   6   LEU LEU A . n 
B 2 13  PRO 13  7   7   PRO PRO A . n 
B 2 14  ALA 14  8   8   ALA ALA A . n 
B 2 15  GLY 15  9   9   GLY GLY A . n 
B 2 16  LYS 16  10  10  LYS LYS A . n 
B 2 17  ALA 17  11  11  ALA ALA A . n 
B 2 18  THR 18  12  12  THR THR A . n 
B 2 19  PRO 19  13  13  PRO PRO A . n 
B 2 20  ALA 20  14  14  ALA ALA A . n 
B 2 21  PRO 21  15  15  PRO PRO A . n 
B 2 22  PRO 22  16  16  PRO PRO A . n 
B 2 23  VAL 23  17  17  VAL VAL A . n 
B 2 24  GLY 24  18  18  GLY GLY A . n 
B 2 25  PRO 25  19  19  PRO PRO A . n 
B 2 26  ALA 26  20  20  ALA ALA A . n 
B 2 27  LEU 27  21  21  LEU LEU A . n 
B 2 28  GLY 28  22  22  GLY GLY A . n 
B 2 29  GLN 29  23  23  GLN GLN A . n 
B 2 30  HIS 30  24  24  HIS HIS A . n 
B 2 31  GLY 31  25  25  GLY GLY A . n 
B 2 32  VAL 32  26  26  VAL VAL A . n 
B 2 33  ASN 33  27  27  ASN ASN A . n 
B 2 34  ILE 34  28  28  ILE ILE A . n 
B 2 35  MET 35  29  29  MET MET A . n 
B 2 36  GLU 36  30  30  GLU GLU A . n 
B 2 37  PHE 37  31  31  PHE PHE A . n 
B 2 38  CYS 38  32  32  CYS CYS A . n 
B 2 39  LYS 39  33  33  LYS LYS A . n 
B 2 40  ARG 40  34  34  ARG ARG A . n 
B 2 41  PHE 41  35  35  PHE PHE A . n 
B 2 42  ASN 42  36  36  ASN ASN A . n 
B 2 43  ALA 43  37  37  ALA ALA A . n 
B 2 44  GLU 44  38  38  GLU GLU A . n 
B 2 45  THR 45  39  39  THR THR A . n 
B 2 46  ALA 46  40  40  ALA ALA A . n 
B 2 47  ASP 47  41  41  ASP ASP A . n 
B 2 48  LYS 48  42  42  LYS LYS A . n 
B 2 49  ALA 49  43  43  ALA ALA A . n 
B 2 50  GLY 50  44  44  GLY GLY A . n 
B 2 51  MET 51  45  45  MET MET A . n 
B 2 52  ILE 52  46  46  ILE ILE A . n 
B 2 53  LEU 53  47  47  LEU LEU A . n 
B 2 54  PRO 54  48  48  PRO PRO A . n 
B 2 55  VAL 55  49  49  VAL VAL A . n 
B 2 56  VAL 56  50  50  VAL VAL A . n 
B 2 57  ILE 57  51  51  ILE ILE A . n 
B 2 58  THR 58  52  52  THR THR A . n 
B 2 59  VAL 59  53  53  VAL VAL A . n 
B 2 60  TYR 60  54  54  TYR TYR A . n 
B 2 61  GLU 61  55  55  GLU GLU A . n 
B 2 62  ASP 62  56  56  ASP ASP A . n 
B 2 63  LYS 63  57  57  LYS LYS A . n 
B 2 64  SER 64  58  58  SER SER A . n 
B 2 65  PHE 65  59  59  PHE PHE A . n 
B 2 66  THR 66  60  60  THR THR A . n 
B 2 67  PHE 67  61  61  PHE PHE A . n 
B 2 68  ILE 68  62  62  ILE ILE A . n 
B 2 69  ILE 69  63  63  ILE ILE A . n 
B 2 70  LYS 70  64  64  LYS LYS A . n 
B 2 71  THR 71  65  65  THR THR A . n 
B 2 72  GLU 72  66  66  GLU PRO A . n 
B 2 73  PRO 73  67  67  PRO PRO A . n 
B 2 74  PRO 74  68  68  PRO PRO A . n 
B 2 75  ALA 75  69  69  ALA ALA A . n 
B 2 76  SER 76  70  70  SER SER A . n 
B 2 77  PHE 77  71  71  PHE PHE A . n 
B 2 78  LEU 78  72  72  LEU LEU A . n 
B 2 79  LEU 79  73  73  LEU LEU A . n 
B 2 80  LYS 80  74  74  LYS LYS A . n 
B 2 81  LYS 81  75  75  LYS LYS A . n 
B 2 82  ALA 82  76  76  ALA ALA A . n 
B 2 83  ALA 83  77  77  ALA ALA A . n 
B 2 84  GLY 84  78  78  GLY GLY A . n 
B 2 85  ILE 85  79  79  ILE ILE A . n 
B 2 86  GLU 86  80  80  GLU GLU A . n 
B 2 87  LYS 87  81  81  LYS LYS A . n 
B 2 88  GLY 88  82  82  GLY GLY A . n 
B 2 89  SER 89  83  83  SER SER A . n 
B 2 90  SER 90  84  84  SER SER A . n 
B 2 91  GLU 91  85  85  GLU GLU A . n 
B 2 92  PRO 92  86  86  PRO PRO A . n 
B 2 93  LYS 93  87  87  LYS LYS A . n 
B 2 94  ARG 94  88  88  ARG ARG A . n 
B 2 95  LYS 95  89  89  LYS LYS A . n 
B 2 96  ILE 96  90  90  ILE ILE A . n 
B 2 97  VAL 97  91  91  VAL VAL A . n 
B 2 98  GLY 98  92  92  GLY GLY A . n 
B 2 99  LYS 99  93  93  LYS LYS A . n 
B 2 100 VAL 100 94  94  VAL VAL A . n 
B 2 101 THR 101 95  95  THR THR A . n 
B 2 102 ARG 102 96  96  ARG ARG A . n 
B 2 103 LYS 103 97  97  LYS LYS A . n 
B 2 104 GLN 104 98  98  GLN GLN A . n 
B 2 105 ILE 105 99  99  ILE ILE A . n 
B 2 106 GLU 106 100 100 GLU GLU A . n 
B 2 107 GLU 107 101 101 GLU GLU A . n 
B 2 108 ILE 108 102 102 ILE ILE A . n 
B 2 109 ALA 109 103 103 ALA ALA A . n 
B 2 110 LYS 110 104 104 LYS LYS A . n 
B 2 111 THR 111 105 105 THR THR A . n 
B 2 112 LYS 112 106 106 LYS LYS A . n 
B 2 113 MET 113 107 107 MET MET A . n 
B 2 114 PRO 114 108 108 PRO PRO A . n 
B 2 115 ASP 115 109 109 ASP ASP A . n 
B 2 116 LEU 116 110 110 LEU LEU A . n 
B 2 117 ASN 117 111 111 ASN ASN A . n 
B 2 118 ALA 118 112 112 ALA ALA A . n 
B 2 119 ASN 119 113 113 ASN ASN A . n 
B 2 120 SER 120 114 114 SER SER A . n 
B 2 121 LEU 121 115 115 LEU LEU A . n 
B 2 122 GLU 122 116 116 GLU GLU A . n 
B 2 123 ALA 123 117 117 ALA ALA A . n 
B 2 124 ALA 124 118 118 ALA ALA A . n 
B 2 125 MET 125 119 119 MET MET A . n 
B 2 126 LYS 126 120 120 LYS LYS A . n 
B 2 127 ILE 127 121 121 ILE ILE A . n 
B 2 128 ILE 128 122 122 ILE ILE A . n 
B 2 129 GLU 129 123 123 GLU GLU A . n 
B 2 130 GLY 130 124 124 GLY GLY A . n 
B 2 131 THR 131 125 125 THR THR A . n 
B 2 132 ALA 132 126 126 ALA ALA A . n 
B 2 133 LYS 133 127 127 LYS LYS A . n 
B 2 134 SER 134 128 128 SER SER A . n 
B 2 135 MET 135 129 129 MET MET A . n 
B 2 136 GLY 136 130 130 GLY GLY A . n 
B 2 137 ILE 137 131 131 ILE ILE A . n 
B 2 138 GLU 138 132 132 GLU GLU A . n 
B 2 139 VAL 139 133 133 VAL VAL A . n 
B 2 140 VAL 140 134 134 VAL VAL A . n 
B 2 141 ASP 141 135 ?   ?   ?   A . n 
# 
_cell.entry_id           1R2X 
_cell.length_a           1 
_cell.length_b           1 
_cell.length_c           1 
_cell.angle_alpha        90 
_cell.angle_beta         90 
_cell.angle_gamma        90 
_cell.pdbx_unique_axis   ? 
_cell.Z_PDB              1 
_cell.length_a_esd       ? 
_cell.length_b_esd       ? 
_cell.length_c_esd       ? 
_cell.angle_alpha_esd    ? 
_cell.angle_beta_esd     ? 
_cell.angle_gamma_esd    ? 
# 
_symmetry.entry_id                         1R2X 
_symmetry.space_group_name_H-M             'P 1' 
_symmetry.pdbx_full_space_group_name_H-M   ? 
_symmetry.Int_Tables_number                1 
_symmetry.cell_setting                     ? 
# 
_exptl.entry_id          1R2X 
_exptl.method            'ELECTRON MICROSCOPY' 
_exptl.crystals_number   ? 
# 
_refine_hist.pdbx_refine_id                   'ELECTRON MICROSCOPY' 
_refine_hist.cycle_id                         LAST 
_refine_hist.pdbx_number_atoms_protein        133 
_refine_hist.pdbx_number_atoms_nucleic_acid   57 
_refine_hist.pdbx_number_atoms_ligand         0 
_refine_hist.number_atoms_solvent             0 
_refine_hist.number_atoms_total               190 
_refine_hist.d_res_high                       . 
_refine_hist.d_res_low                        . 
# 
_struct.entry_id                  1R2X 
_struct.title                     
'Coordinates of L11 with 58nts of 23S rRNA fitted into the cryo-EM map of EF-Tu ternary complex (GDP.Kirromycin) bound 70S ribosome' 
_struct.pdbx_model_details        ? 
_struct.pdbx_CASP_flag            ? 
_struct.pdbx_model_type_details   ? 
# 
_struct_keywords.entry_id        1R2X 
_struct_keywords.pdbx_keywords   'RNA BINDING PROTEIN/RNA' 
_struct_keywords.text            'rna, ribosomal protein, RNA BINDING PROTEIN-RNA COMPLEX' 
# 
loop_
_struct_asym.id 
_struct_asym.pdbx_blank_PDB_chainid_flag 
_struct_asym.pdbx_modified 
_struct_asym.entity_id 
_struct_asym.details 
A N N 1 ? 
B N N 2 ? 
# 
loop_
_struct_ref.id 
_struct_ref.db_name 
_struct_ref.db_code 
_struct_ref.pdbx_db_accession 
_struct_ref.entity_id 
_struct_ref.pdbx_seq_one_letter_code 
_struct_ref.pdbx_align_begin 
_struct_ref.pdbx_db_isoform 
1 UNP RL11_THEMA P29395 2 
;AKKVAAQIKLQLPAGKATPAPPVGPALGQHGVNIMEFCKRFNAETADKAGMILPVVITVYEDKSFTFIIKTPPASFLLKK
AAGIEKGSSEPKRKIVGKVTRKQIEEIAKTKMPDLNANSLEAAMKIIEGTAKSMGIEVVD
;
1 ? 
2 PDB 1R2X       1R2X   1 ? ? ? 
# 
loop_
_struct_ref_seq.align_id 
_struct_ref_seq.ref_id 
_struct_ref_seq.pdbx_PDB_id_code 
_struct_ref_seq.pdbx_strand_id 
_struct_ref_seq.seq_align_beg 
_struct_ref_seq.pdbx_seq_align_beg_ins_code 
_struct_ref_seq.seq_align_end 
_struct_ref_seq.pdbx_seq_align_end_ins_code 
_struct_ref_seq.pdbx_db_accession 
_struct_ref_seq.db_align_beg 
_struct_ref_seq.pdbx_db_align_beg_ins_code 
_struct_ref_seq.db_align_end 
_struct_ref_seq.pdbx_db_align_end_ins_code 
_struct_ref_seq.pdbx_auth_seq_align_beg 
_struct_ref_seq.pdbx_auth_seq_align_end 
1 1 1R2X A 1 ? 141 ? P29395 1 ? 140 ? -5 135 
2 2 1R2X C 1 ? 58  ? 1R2X   0 ? 57  ? 0  57  
# 
_struct_ref_seq_dif.align_id                     1 
_struct_ref_seq_dif.pdbx_pdb_id_code             1R2X 
_struct_ref_seq_dif.mon_id                       GLU 
_struct_ref_seq_dif.pdbx_pdb_strand_id           A 
_struct_ref_seq_dif.seq_num                      72 
_struct_ref_seq_dif.pdbx_pdb_ins_code            ? 
_struct_ref_seq_dif.pdbx_seq_db_name             UNP 
_struct_ref_seq_dif.pdbx_seq_db_accession_code   P29395 
_struct_ref_seq_dif.db_mon_id                    ? 
_struct_ref_seq_dif.pdbx_seq_db_seq_num          ? 
_struct_ref_seq_dif.details                      insertion 
_struct_ref_seq_dif.pdbx_auth_seq_num            66 
_struct_ref_seq_dif.pdbx_ordinal                 1 
# 
_pdbx_struct_assembly.id                   1 
_pdbx_struct_assembly.details              author_defined_assembly 
_pdbx_struct_assembly.method_details       ? 
_pdbx_struct_assembly.oligomeric_details   dimeric 
_pdbx_struct_assembly.oligomeric_count     2 
# 
_pdbx_struct_assembly_gen.assembly_id       1 
_pdbx_struct_assembly_gen.oper_expression   1 
_pdbx_struct_assembly_gen.asym_id_list      A,B 
# 
_pdbx_struct_oper_list.id                   1 
_pdbx_struct_oper_list.type                 'identity operation' 
_pdbx_struct_oper_list.name                 1_555 
_pdbx_struct_oper_list.symmetry_operation   x,y,z 
_pdbx_struct_oper_list.matrix[1][1]         1.0000000000 
_pdbx_struct_oper_list.matrix[1][2]         0.0000000000 
_pdbx_struct_oper_list.matrix[1][3]         0.0000000000 
_pdbx_struct_oper_list.vector[1]            0.0000000000 
_pdbx_struct_oper_list.matrix[2][1]         0.0000000000 
_pdbx_struct_oper_list.matrix[2][2]         1.0000000000 
_pdbx_struct_oper_list.matrix[2][3]         0.0000000000 
_pdbx_struct_oper_list.vector[2]            0.0000000000 
_pdbx_struct_oper_list.matrix[3][1]         0.0000000000 
_pdbx_struct_oper_list.matrix[3][2]         0.0000000000 
_pdbx_struct_oper_list.matrix[3][3]         1.0000000000 
_pdbx_struct_oper_list.vector[3]            0.0000000000 
# 
_struct_biol.id                    1 
_struct_biol.pdbx_parent_biol_id   ? 
_struct_biol.details               ? 
# 
_pdbx_database_remark.id     999 
_pdbx_database_remark.text   
;SEQUENCE
THE PROTEIN STRUCTURE CONTAINS CA ATOMS and THE RNA STRUCTURE CONTAINS P ATOMS ONLY 
;
# 
_em_3d_fitting.id                1 
_em_3d_fitting.entry_id          1R2X 
_em_3d_fitting.ref_protocol      OTHER 
_em_3d_fitting.ref_space         ? 
_em_3d_fitting.overall_b_value   ? 
_em_3d_fitting.target_criteria   ? 
_em_3d_fitting.details           'METHOD--manual using O' 
_em_3d_fitting.method            ? 
# 
_em_3d_reconstruction.entry_id                    1R2X 
_em_3d_reconstruction.id                          1 
_em_3d_reconstruction.symmetry_type               POINT 
_em_3d_reconstruction.num_particles               75996 
_em_3d_reconstruction.image_processing_id         1 
_em_3d_reconstruction.method                      'Reference based alignment' 
_em_3d_reconstruction.nominal_pixel_size          ? 
_em_3d_reconstruction.actual_pixel_size           2.82 
_em_3d_reconstruction.resolution                  9 
_em_3d_reconstruction.magnification_calibration   TMV 
_em_3d_reconstruction.details                     ? 
_em_3d_reconstruction.resolution_method           ? 
_em_3d_reconstruction.num_class_averages          ? 
_em_3d_reconstruction.algorithm                   ? 
# 
_em_buffer.id            1 
_em_buffer.pH            7.5 
_em_buffer.specimen_id   1 
_em_buffer.name          'Polymix buffer' 
_em_buffer.details       'Polymix buffer' 
# 
loop_
_em_entity_assembly.id 
_em_entity_assembly.name 
_em_entity_assembly.type 
_em_entity_assembly.parent_id 
_em_entity_assembly.synonym 
_em_entity_assembly.details 
_em_entity_assembly.oligomeric_details 
1 '70S ribosome'              RIBOSOME 0 ? ?                                    ? 
2 '50S ribosomal protein L11' ?        1 ? 'STRUCTURAL CONSTITUENT OF RIBOSOME' ? 
3 'A/T site tRNA'             ?        1 ? ?                                    ? 
# 
_em_imaging.entry_id                        1R2X 
_em_imaging.id                              1 
_em_imaging.specimen_id                     1 
_em_imaging.date                            ? 
_em_imaging.temperature                     93 
_em_imaging.microscope_model                'FEI TECNAI F20' 
_em_imaging.nominal_defocus_min             2000. 
_em_imaging.nominal_defocus_max             4000. 
_em_imaging.tilt_angle_min                  0 
_em_imaging.tilt_angle_max                  0 
_em_imaging.nominal_cs                      ? 
_em_imaging.mode                            'BRIGHT FIELD' 
_em_imaging.illumination_mode               'FLOOD BEAM' 
_em_imaging.nominal_magnification           50000 
_em_imaging.calibrated_magnification        ? 
_em_imaging.electron_source                 'FIELD EMISSION GUN' 
_em_imaging.accelerating_voltage            200 
_em_imaging.details                         ? 
_em_imaging.specimen_holder_type            ? 
_em_imaging.specimen_holder_model           ? 
_em_imaging.citation_id                     ? 
_em_imaging.detector_distance               ? 
_em_imaging.recording_temperature_maximum   ? 
_em_imaging.recording_temperature_minimum   ? 
_em_imaging.astigmatism                     ? 
_em_imaging.electron_beam_tilt_params       ? 
# 
_em_sample_support.id               1 
_em_sample_support.specimen_id      1 
_em_sample_support.details          'Quantifoil holley carbon coated grids' 
_em_sample_support.film_material    ? 
_em_sample_support.grid_material    ? 
_em_sample_support.grid_mesh_size   ? 
_em_sample_support.grid_type        ? 
_em_sample_support.method           ? 
# 
_em_vitrification.entry_id              1R2X 
_em_vitrification.id                    1 
_em_vitrification.cryogen_name          ETHANE 
_em_vitrification.details               'Rapid freezing in liquid ethane' 
_em_vitrification.citation_id           ? 
_em_vitrification.humidity              ? 
_em_vitrification.instrument            ? 
_em_vitrification.method                ? 
_em_vitrification.specimen_id           1 
_em_vitrification.temp                  ? 
_em_vitrification.time_resolved_state   ? 
# 
_em_experiment.entry_id                1R2X 
_em_experiment.id                      1 
_em_experiment.aggregation_state       PARTICLE 
_em_experiment.entity_assembly_id      1 
_em_experiment.reconstruction_method   'SINGLE PARTICLE' 
# 
_em_single_particle_entity.entry_id              1R2X 
_em_single_particle_entity.id                    1 
_em_single_particle_entity.point_symmetry        C1 
_em_single_particle_entity.image_processing_id   1 
# 
loop_
_pdbx_unobs_or_zero_occ_residues.id 
_pdbx_unobs_or_zero_occ_residues.PDB_model_num 
_pdbx_unobs_or_zero_occ_residues.polymer_flag 
_pdbx_unobs_or_zero_occ_residues.occupancy_flag 
_pdbx_unobs_or_zero_occ_residues.auth_asym_id 
_pdbx_unobs_or_zero_occ_residues.auth_comp_id 
_pdbx_unobs_or_zero_occ_residues.auth_seq_id 
_pdbx_unobs_or_zero_occ_residues.PDB_ins_code 
_pdbx_unobs_or_zero_occ_residues.label_asym_id 
_pdbx_unobs_or_zero_occ_residues.label_comp_id 
_pdbx_unobs_or_zero_occ_residues.label_seq_id 
1 1 Y 1 C G   0   ? A G   1   
2 1 Y 1 A ALA -5  ? B ALA 1   
3 1 Y 1 A LYS -4  ? B LYS 2   
4 1 Y 1 A LYS -3  ? B LYS 3   
5 1 Y 1 A VAL -2  ? B VAL 4   
6 1 Y 1 A ALA -1  ? B ALA 5   
7 1 Y 1 A ALA 0   ? B ALA 6   
8 1 Y 1 A GLN 1   ? B GLN 7   
9 1 Y 1 A ASP 135 ? B ASP 141 
# 
loop_
_chem_comp_atom.comp_id 
_chem_comp_atom.atom_id 
_chem_comp_atom.type_symbol 
_chem_comp_atom.pdbx_aromatic_flag 
_chem_comp_atom.pdbx_stereo_config 
_chem_comp_atom.pdbx_ordinal 
A   OP3    O N N 1   
A   P      P N N 2   
A   OP1    O N N 3   
A   OP2    O N N 4   
A   "O5'"  O N N 5   
A   "C5'"  C N N 6   
A   "C4'"  C N R 7   
A   "O4'"  O N N 8   
A   "C3'"  C N S 9   
A   "O3'"  O N N 10  
A   "C2'"  C N R 11  
A   "O2'"  O N N 12  
A   "C1'"  C N R 13  
A   N9     N Y N 14  
A   C8     C Y N 15  
A   N7     N Y N 16  
A   C5     C Y N 17  
A   C6     C Y N 18  
A   N6     N N N 19  
A   N1     N Y N 20  
A   C2     C Y N 21  
A   N3     N Y N 22  
A   C4     C Y N 23  
A   HOP3   H N N 24  
A   HOP2   H N N 25  
A   "H5'"  H N N 26  
A   "H5''" H N N 27  
A   "H4'"  H N N 28  
A   "H3'"  H N N 29  
A   "HO3'" H N N 30  
A   "H2'"  H N N 31  
A   "HO2'" H N N 32  
A   "H1'"  H N N 33  
A   H8     H N N 34  
A   H61    H N N 35  
A   H62    H N N 36  
A   H2     H N N 37  
ALA N      N N N 38  
ALA CA     C N S 39  
ALA C      C N N 40  
ALA O      O N N 41  
ALA CB     C N N 42  
ALA OXT    O N N 43  
ALA H      H N N 44  
ALA H2     H N N 45  
ALA HA     H N N 46  
ALA HB1    H N N 47  
ALA HB2    H N N 48  
ALA HB3    H N N 49  
ALA HXT    H N N 50  
ARG N      N N N 51  
ARG CA     C N S 52  
ARG C      C N N 53  
ARG O      O N N 54  
ARG CB     C N N 55  
ARG CG     C N N 56  
ARG CD     C N N 57  
ARG NE     N N N 58  
ARG CZ     C N N 59  
ARG NH1    N N N 60  
ARG NH2    N N N 61  
ARG OXT    O N N 62  
ARG H      H N N 63  
ARG H2     H N N 64  
ARG HA     H N N 65  
ARG HB2    H N N 66  
ARG HB3    H N N 67  
ARG HG2    H N N 68  
ARG HG3    H N N 69  
ARG HD2    H N N 70  
ARG HD3    H N N 71  
ARG HE     H N N 72  
ARG HH11   H N N 73  
ARG HH12   H N N 74  
ARG HH21   H N N 75  
ARG HH22   H N N 76  
ARG HXT    H N N 77  
ASN N      N N N 78  
ASN CA     C N S 79  
ASN C      C N N 80  
ASN O      O N N 81  
ASN CB     C N N 82  
ASN CG     C N N 83  
ASN OD1    O N N 84  
ASN ND2    N N N 85  
ASN OXT    O N N 86  
ASN H      H N N 87  
ASN H2     H N N 88  
ASN HA     H N N 89  
ASN HB2    H N N 90  
ASN HB3    H N N 91  
ASN HD21   H N N 92  
ASN HD22   H N N 93  
ASN HXT    H N N 94  
ASP N      N N N 95  
ASP CA     C N S 96  
ASP C      C N N 97  
ASP O      O N N 98  
ASP CB     C N N 99  
ASP CG     C N N 100 
ASP OD1    O N N 101 
ASP OD2    O N N 102 
ASP OXT    O N N 103 
ASP H      H N N 104 
ASP H2     H N N 105 
ASP HA     H N N 106 
ASP HB2    H N N 107 
ASP HB3    H N N 108 
ASP HD2    H N N 109 
ASP HXT    H N N 110 
C   OP3    O N N 111 
C   P      P N N 112 
C   OP1    O N N 113 
C   OP2    O N N 114 
C   "O5'"  O N N 115 
C   "C5'"  C N N 116 
C   "C4'"  C N R 117 
C   "O4'"  O N N 118 
C   "C3'"  C N S 119 
C   "O3'"  O N N 120 
C   "C2'"  C N R 121 
C   "O2'"  O N N 122 
C   "C1'"  C N R 123 
C   N1     N N N 124 
C   C2     C N N 125 
C   O2     O N N 126 
C   N3     N N N 127 
C   C4     C N N 128 
C   N4     N N N 129 
C   C5     C N N 130 
C   C6     C N N 131 
C   HOP3   H N N 132 
C   HOP2   H N N 133 
C   "H5'"  H N N 134 
C   "H5''" H N N 135 
C   "H4'"  H N N 136 
C   "H3'"  H N N 137 
C   "HO3'" H N N 138 
C   "H2'"  H N N 139 
C   "HO2'" H N N 140 
C   "H1'"  H N N 141 
C   H41    H N N 142 
C   H42    H N N 143 
C   H5     H N N 144 
C   H6     H N N 145 
CYS N      N N N 146 
CYS CA     C N R 147 
CYS C      C N N 148 
CYS O      O N N 149 
CYS CB     C N N 150 
CYS SG     S N N 151 
CYS OXT    O N N 152 
CYS H      H N N 153 
CYS H2     H N N 154 
CYS HA     H N N 155 
CYS HB2    H N N 156 
CYS HB3    H N N 157 
CYS HG     H N N 158 
CYS HXT    H N N 159 
G   OP3    O N N 160 
G   P      P N N 161 
G   OP1    O N N 162 
G   OP2    O N N 163 
G   "O5'"  O N N 164 
G   "C5'"  C N N 165 
G   "C4'"  C N R 166 
G   "O4'"  O N N 167 
G   "C3'"  C N S 168 
G   "O3'"  O N N 169 
G   "C2'"  C N R 170 
G   "O2'"  O N N 171 
G   "C1'"  C N R 172 
G   N9     N Y N 173 
G   C8     C Y N 174 
G   N7     N Y N 175 
G   C5     C Y N 176 
G   C6     C N N 177 
G   O6     O N N 178 
G   N1     N N N 179 
G   C2     C N N 180 
G   N2     N N N 181 
G   N3     N N N 182 
G   C4     C Y N 183 
G   HOP3   H N N 184 
G   HOP2   H N N 185 
G   "H5'"  H N N 186 
G   "H5''" H N N 187 
G   "H4'"  H N N 188 
G   "H3'"  H N N 189 
G   "HO3'" H N N 190 
G   "H2'"  H N N 191 
G   "HO2'" H N N 192 
G   "H1'"  H N N 193 
G   H8     H N N 194 
G   H1     H N N 195 
G   H21    H N N 196 
G   H22    H N N 197 
GLN N      N N N 198 
GLN CA     C N S 199 
GLN C      C N N 200 
GLN O      O N N 201 
GLN CB     C N N 202 
GLN CG     C N N 203 
GLN CD     C N N 204 
GLN OE1    O N N 205 
GLN NE2    N N N 206 
GLN OXT    O N N 207 
GLN H      H N N 208 
GLN H2     H N N 209 
GLN HA     H N N 210 
GLN HB2    H N N 211 
GLN HB3    H N N 212 
GLN HG2    H N N 213 
GLN HG3    H N N 214 
GLN HE21   H N N 215 
GLN HE22   H N N 216 
GLN HXT    H N N 217 
GLU N      N N N 218 
GLU CA     C N S 219 
GLU C      C N N 220 
GLU O      O N N 221 
GLU CB     C N N 222 
GLU CG     C N N 223 
GLU CD     C N N 224 
GLU OE1    O N N 225 
GLU OE2    O N N 226 
GLU OXT    O N N 227 
GLU H      H N N 228 
GLU H2     H N N 229 
GLU HA     H N N 230 
GLU HB2    H N N 231 
GLU HB3    H N N 232 
GLU HG2    H N N 233 
GLU HG3    H N N 234 
GLU HE2    H N N 235 
GLU HXT    H N N 236 
GLY N      N N N 237 
GLY CA     C N N 238 
GLY C      C N N 239 
GLY O      O N N 240 
GLY OXT    O N N 241 
GLY H      H N N 242 
GLY H2     H N N 243 
GLY HA2    H N N 244 
GLY HA3    H N N 245 
GLY HXT    H N N 246 
HIS N      N N N 247 
HIS CA     C N S 248 
HIS C      C N N 249 
HIS O      O N N 250 
HIS CB     C N N 251 
HIS CG     C Y N 252 
HIS ND1    N Y N 253 
HIS CD2    C Y N 254 
HIS CE1    C Y N 255 
HIS NE2    N Y N 256 
HIS OXT    O N N 257 
HIS H      H N N 258 
HIS H2     H N N 259 
HIS HA     H N N 260 
HIS HB2    H N N 261 
HIS HB3    H N N 262 
HIS HD1    H N N 263 
HIS HD2    H N N 264 
HIS HE1    H N N 265 
HIS HE2    H N N 266 
HIS HXT    H N N 267 
ILE N      N N N 268 
ILE CA     C N S 269 
ILE C      C N N 270 
ILE O      O N N 271 
ILE CB     C N S 272 
ILE CG1    C N N 273 
ILE CG2    C N N 274 
ILE CD1    C N N 275 
ILE OXT    O N N 276 
ILE H      H N N 277 
ILE H2     H N N 278 
ILE HA     H N N 279 
ILE HB     H N N 280 
ILE HG12   H N N 281 
ILE HG13   H N N 282 
ILE HG21   H N N 283 
ILE HG22   H N N 284 
ILE HG23   H N N 285 
ILE HD11   H N N 286 
ILE HD12   H N N 287 
ILE HD13   H N N 288 
ILE HXT    H N N 289 
LEU N      N N N 290 
LEU CA     C N S 291 
LEU C      C N N 292 
LEU O      O N N 293 
LEU CB     C N N 294 
LEU CG     C N N 295 
LEU CD1    C N N 296 
LEU CD2    C N N 297 
LEU OXT    O N N 298 
LEU H      H N N 299 
LEU H2     H N N 300 
LEU HA     H N N 301 
LEU HB2    H N N 302 
LEU HB3    H N N 303 
LEU HG     H N N 304 
LEU HD11   H N N 305 
LEU HD12   H N N 306 
LEU HD13   H N N 307 
LEU HD21   H N N 308 
LEU HD22   H N N 309 
LEU HD23   H N N 310 
LEU HXT    H N N 311 
LYS N      N N N 312 
LYS CA     C N S 313 
LYS C      C N N 314 
LYS O      O N N 315 
LYS CB     C N N 316 
LYS CG     C N N 317 
LYS CD     C N N 318 
LYS CE     C N N 319 
LYS NZ     N N N 320 
LYS OXT    O N N 321 
LYS H      H N N 322 
LYS H2     H N N 323 
LYS HA     H N N 324 
LYS HB2    H N N 325 
LYS HB3    H N N 326 
LYS HG2    H N N 327 
LYS HG3    H N N 328 
LYS HD2    H N N 329 
LYS HD3    H N N 330 
LYS HE2    H N N 331 
LYS HE3    H N N 332 
LYS HZ1    H N N 333 
LYS HZ2    H N N 334 
LYS HZ3    H N N 335 
LYS HXT    H N N 336 
MET N      N N N 337 
MET CA     C N S 338 
MET C      C N N 339 
MET O      O N N 340 
MET CB     C N N 341 
MET CG     C N N 342 
MET SD     S N N 343 
MET CE     C N N 344 
MET OXT    O N N 345 
MET H      H N N 346 
MET H2     H N N 347 
MET HA     H N N 348 
MET HB2    H N N 349 
MET HB3    H N N 350 
MET HG2    H N N 351 
MET HG3    H N N 352 
MET HE1    H N N 353 
MET HE2    H N N 354 
MET HE3    H N N 355 
MET HXT    H N N 356 
PHE N      N N N 357 
PHE CA     C N S 358 
PHE C      C N N 359 
PHE O      O N N 360 
PHE CB     C N N 361 
PHE CG     C Y N 362 
PHE CD1    C Y N 363 
PHE CD2    C Y N 364 
PHE CE1    C Y N 365 
PHE CE2    C Y N 366 
PHE CZ     C Y N 367 
PHE OXT    O N N 368 
PHE H      H N N 369 
PHE H2     H N N 370 
PHE HA     H N N 371 
PHE HB2    H N N 372 
PHE HB3    H N N 373 
PHE HD1    H N N 374 
PHE HD2    H N N 375 
PHE HE1    H N N 376 
PHE HE2    H N N 377 
PHE HZ     H N N 378 
PHE HXT    H N N 379 
PRO N      N N N 380 
PRO CA     C N S 381 
PRO C      C N N 382 
PRO O      O N N 383 
PRO CB     C N N 384 
PRO CG     C N N 385 
PRO CD     C N N 386 
PRO OXT    O N N 387 
PRO H      H N N 388 
PRO HA     H N N 389 
PRO HB2    H N N 390 
PRO HB3    H N N 391 
PRO HG2    H N N 392 
PRO HG3    H N N 393 
PRO HD2    H N N 394 
PRO HD3    H N N 395 
PRO HXT    H N N 396 
SER N      N N N 397 
SER CA     C N S 398 
SER C      C N N 399 
SER O      O N N 400 
SER CB     C N N 401 
SER OG     O N N 402 
SER OXT    O N N 403 
SER H      H N N 404 
SER H2     H N N 405 
SER HA     H N N 406 
SER HB2    H N N 407 
SER HB3    H N N 408 
SER HG     H N N 409 
SER HXT    H N N 410 
THR N      N N N 411 
THR CA     C N S 412 
THR C      C N N 413 
THR O      O N N 414 
THR CB     C N R 415 
THR OG1    O N N 416 
THR CG2    C N N 417 
THR OXT    O N N 418 
THR H      H N N 419 
THR H2     H N N 420 
THR HA     H N N 421 
THR HB     H N N 422 
THR HG1    H N N 423 
THR HG21   H N N 424 
THR HG22   H N N 425 
THR HG23   H N N 426 
THR HXT    H N N 427 
TYR N      N N N 428 
TYR CA     C N S 429 
TYR C      C N N 430 
TYR O      O N N 431 
TYR CB     C N N 432 
TYR CG     C Y N 433 
TYR CD1    C Y N 434 
TYR CD2    C Y N 435 
TYR CE1    C Y N 436 
TYR CE2    C Y N 437 
TYR CZ     C Y N 438 
TYR OH     O N N 439 
TYR OXT    O N N 440 
TYR H      H N N 441 
TYR H2     H N N 442 
TYR HA     H N N 443 
TYR HB2    H N N 444 
TYR HB3    H N N 445 
TYR HD1    H N N 446 
TYR HD2    H N N 447 
TYR HE1    H N N 448 
TYR HE2    H N N 449 
TYR HH     H N N 450 
TYR HXT    H N N 451 
U   OP3    O N N 452 
U   P      P N N 453 
U   OP1    O N N 454 
U   OP2    O N N 455 
U   "O5'"  O N N 456 
U   "C5'"  C N N 457 
U   "C4'"  C N R 458 
U   "O4'"  O N N 459 
U   "C3'"  C N S 460 
U   "O3'"  O N N 461 
U   "C2'"  C N R 462 
U   "O2'"  O N N 463 
U   "C1'"  C N R 464 
U   N1     N N N 465 
U   C2     C N N 466 
U   O2     O N N 467 
U   N3     N N N 468 
U   C4     C N N 469 
U   O4     O N N 470 
U   C5     C N N 471 
U   C6     C N N 472 
U   HOP3   H N N 473 
U   HOP2   H N N 474 
U   "H5'"  H N N 475 
U   "H5''" H N N 476 
U   "H4'"  H N N 477 
U   "H3'"  H N N 478 
U   "HO3'" H N N 479 
U   "H2'"  H N N 480 
U   "HO2'" H N N 481 
U   "H1'"  H N N 482 
U   H3     H N N 483 
U   H5     H N N 484 
U   H6     H N N 485 
VAL N      N N N 486 
VAL CA     C N S 487 
VAL C      C N N 488 
VAL O      O N N 489 
VAL CB     C N N 490 
VAL CG1    C N N 491 
VAL CG2    C N N 492 
VAL OXT    O N N 493 
VAL H      H N N 494 
VAL H2     H N N 495 
VAL HA     H N N 496 
VAL HB     H N N 497 
VAL HG11   H N N 498 
VAL HG12   H N N 499 
VAL HG13   H N N 500 
VAL HG21   H N N 501 
VAL HG22   H N N 502 
VAL HG23   H N N 503 
VAL HXT    H N N 504 
# 
loop_
_chem_comp_bond.comp_id 
_chem_comp_bond.atom_id_1 
_chem_comp_bond.atom_id_2 
_chem_comp_bond.value_order 
_chem_comp_bond.pdbx_aromatic_flag 
_chem_comp_bond.pdbx_stereo_config 
_chem_comp_bond.pdbx_ordinal 
A   OP3   P      sing N N 1   
A   OP3   HOP3   sing N N 2   
A   P     OP1    doub N N 3   
A   P     OP2    sing N N 4   
A   P     "O5'"  sing N N 5   
A   OP2   HOP2   sing N N 6   
A   "O5'" "C5'"  sing N N 7   
A   "C5'" "C4'"  sing N N 8   
A   "C5'" "H5'"  sing N N 9   
A   "C5'" "H5''" sing N N 10  
A   "C4'" "O4'"  sing N N 11  
A   "C4'" "C3'"  sing N N 12  
A   "C4'" "H4'"  sing N N 13  
A   "O4'" "C1'"  sing N N 14  
A   "C3'" "O3'"  sing N N 15  
A   "C3'" "C2'"  sing N N 16  
A   "C3'" "H3'"  sing N N 17  
A   "O3'" "HO3'" sing N N 18  
A   "C2'" "O2'"  sing N N 19  
A   "C2'" "C1'"  sing N N 20  
A   "C2'" "H2'"  sing N N 21  
A   "O2'" "HO2'" sing N N 22  
A   "C1'" N9     sing N N 23  
A   "C1'" "H1'"  sing N N 24  
A   N9    C8     sing Y N 25  
A   N9    C4     sing Y N 26  
A   C8    N7     doub Y N 27  
A   C8    H8     sing N N 28  
A   N7    C5     sing Y N 29  
A   C5    C6     sing Y N 30  
A   C5    C4     doub Y N 31  
A   C6    N6     sing N N 32  
A   C6    N1     doub Y N 33  
A   N6    H61    sing N N 34  
A   N6    H62    sing N N 35  
A   N1    C2     sing Y N 36  
A   C2    N3     doub Y N 37  
A   C2    H2     sing N N 38  
A   N3    C4     sing Y N 39  
ALA N     CA     sing N N 40  
ALA N     H      sing N N 41  
ALA N     H2     sing N N 42  
ALA CA    C      sing N N 43  
ALA CA    CB     sing N N 44  
ALA CA    HA     sing N N 45  
ALA C     O      doub N N 46  
ALA C     OXT    sing N N 47  
ALA CB    HB1    sing N N 48  
ALA CB    HB2    sing N N 49  
ALA CB    HB3    sing N N 50  
ALA OXT   HXT    sing N N 51  
ARG N     CA     sing N N 52  
ARG N     H      sing N N 53  
ARG N     H2     sing N N 54  
ARG CA    C      sing N N 55  
ARG CA    CB     sing N N 56  
ARG CA    HA     sing N N 57  
ARG C     O      doub N N 58  
ARG C     OXT    sing N N 59  
ARG CB    CG     sing N N 60  
ARG CB    HB2    sing N N 61  
ARG CB    HB3    sing N N 62  
ARG CG    CD     sing N N 63  
ARG CG    HG2    sing N N 64  
ARG CG    HG3    sing N N 65  
ARG CD    NE     sing N N 66  
ARG CD    HD2    sing N N 67  
ARG CD    HD3    sing N N 68  
ARG NE    CZ     sing N N 69  
ARG NE    HE     sing N N 70  
ARG CZ    NH1    sing N N 71  
ARG CZ    NH2    doub N N 72  
ARG NH1   HH11   sing N N 73  
ARG NH1   HH12   sing N N 74  
ARG NH2   HH21   sing N N 75  
ARG NH2   HH22   sing N N 76  
ARG OXT   HXT    sing N N 77  
ASN N     CA     sing N N 78  
ASN N     H      sing N N 79  
ASN N     H2     sing N N 80  
ASN CA    C      sing N N 81  
ASN CA    CB     sing N N 82  
ASN CA    HA     sing N N 83  
ASN C     O      doub N N 84  
ASN C     OXT    sing N N 85  
ASN CB    CG     sing N N 86  
ASN CB    HB2    sing N N 87  
ASN CB    HB3    sing N N 88  
ASN CG    OD1    doub N N 89  
ASN CG    ND2    sing N N 90  
ASN ND2   HD21   sing N N 91  
ASN ND2   HD22   sing N N 92  
ASN OXT   HXT    sing N N 93  
ASP N     CA     sing N N 94  
ASP N     H      sing N N 95  
ASP N     H2     sing N N 96  
ASP CA    C      sing N N 97  
ASP CA    CB     sing N N 98  
ASP CA    HA     sing N N 99  
ASP C     O      doub N N 100 
ASP C     OXT    sing N N 101 
ASP CB    CG     sing N N 102 
ASP CB    HB2    sing N N 103 
ASP CB    HB3    sing N N 104 
ASP CG    OD1    doub N N 105 
ASP CG    OD2    sing N N 106 
ASP OD2   HD2    sing N N 107 
ASP OXT   HXT    sing N N 108 
C   OP3   P      sing N N 109 
C   OP3   HOP3   sing N N 110 
C   P     OP1    doub N N 111 
C   P     OP2    sing N N 112 
C   P     "O5'"  sing N N 113 
C   OP2   HOP2   sing N N 114 
C   "O5'" "C5'"  sing N N 115 
C   "C5'" "C4'"  sing N N 116 
C   "C5'" "H5'"  sing N N 117 
C   "C5'" "H5''" sing N N 118 
C   "C4'" "O4'"  sing N N 119 
C   "C4'" "C3'"  sing N N 120 
C   "C4'" "H4'"  sing N N 121 
C   "O4'" "C1'"  sing N N 122 
C   "C3'" "O3'"  sing N N 123 
C   "C3'" "C2'"  sing N N 124 
C   "C3'" "H3'"  sing N N 125 
C   "O3'" "HO3'" sing N N 126 
C   "C2'" "O2'"  sing N N 127 
C   "C2'" "C1'"  sing N N 128 
C   "C2'" "H2'"  sing N N 129 
C   "O2'" "HO2'" sing N N 130 
C   "C1'" N1     sing N N 131 
C   "C1'" "H1'"  sing N N 132 
C   N1    C2     sing N N 133 
C   N1    C6     sing N N 134 
C   C2    O2     doub N N 135 
C   C2    N3     sing N N 136 
C   N3    C4     doub N N 137 
C   C4    N4     sing N N 138 
C   C4    C5     sing N N 139 
C   N4    H41    sing N N 140 
C   N4    H42    sing N N 141 
C   C5    C6     doub N N 142 
C   C5    H5     sing N N 143 
C   C6    H6     sing N N 144 
CYS N     CA     sing N N 145 
CYS N     H      sing N N 146 
CYS N     H2     sing N N 147 
CYS CA    C      sing N N 148 
CYS CA    CB     sing N N 149 
CYS CA    HA     sing N N 150 
CYS C     O      doub N N 151 
CYS C     OXT    sing N N 152 
CYS CB    SG     sing N N 153 
CYS CB    HB2    sing N N 154 
CYS CB    HB3    sing N N 155 
CYS SG    HG     sing N N 156 
CYS OXT   HXT    sing N N 157 
G   OP3   P      sing N N 158 
G   OP3   HOP3   sing N N 159 
G   P     OP1    doub N N 160 
G   P     OP2    sing N N 161 
G   P     "O5'"  sing N N 162 
G   OP2   HOP2   sing N N 163 
G   "O5'" "C5'"  sing N N 164 
G   "C5'" "C4'"  sing N N 165 
G   "C5'" "H5'"  sing N N 166 
G   "C5'" "H5''" sing N N 167 
G   "C4'" "O4'"  sing N N 168 
G   "C4'" "C3'"  sing N N 169 
G   "C4'" "H4'"  sing N N 170 
G   "O4'" "C1'"  sing N N 171 
G   "C3'" "O3'"  sing N N 172 
G   "C3'" "C2'"  sing N N 173 
G   "C3'" "H3'"  sing N N 174 
G   "O3'" "HO3'" sing N N 175 
G   "C2'" "O2'"  sing N N 176 
G   "C2'" "C1'"  sing N N 177 
G   "C2'" "H2'"  sing N N 178 
G   "O2'" "HO2'" sing N N 179 
G   "C1'" N9     sing N N 180 
G   "C1'" "H1'"  sing N N 181 
G   N9    C8     sing Y N 182 
G   N9    C4     sing Y N 183 
G   C8    N7     doub Y N 184 
G   C8    H8     sing N N 185 
G   N7    C5     sing Y N 186 
G   C5    C6     sing N N 187 
G   C5    C4     doub Y N 188 
G   C6    O6     doub N N 189 
G   C6    N1     sing N N 190 
G   N1    C2     sing N N 191 
G   N1    H1     sing N N 192 
G   C2    N2     sing N N 193 
G   C2    N3     doub N N 194 
G   N2    H21    sing N N 195 
G   N2    H22    sing N N 196 
G   N3    C4     sing N N 197 
GLN N     CA     sing N N 198 
GLN N     H      sing N N 199 
GLN N     H2     sing N N 200 
GLN CA    C      sing N N 201 
GLN CA    CB     sing N N 202 
GLN CA    HA     sing N N 203 
GLN C     O      doub N N 204 
GLN C     OXT    sing N N 205 
GLN CB    CG     sing N N 206 
GLN CB    HB2    sing N N 207 
GLN CB    HB3    sing N N 208 
GLN CG    CD     sing N N 209 
GLN CG    HG2    sing N N 210 
GLN CG    HG3    sing N N 211 
GLN CD    OE1    doub N N 212 
GLN CD    NE2    sing N N 213 
GLN NE2   HE21   sing N N 214 
GLN NE2   HE22   sing N N 215 
GLN OXT   HXT    sing N N 216 
GLU N     CA     sing N N 217 
GLU N     H      sing N N 218 
GLU N     H2     sing N N 219 
GLU CA    C      sing N N 220 
GLU CA    CB     sing N N 221 
GLU CA    HA     sing N N 222 
GLU C     O      doub N N 223 
GLU C     OXT    sing N N 224 
GLU CB    CG     sing N N 225 
GLU CB    HB2    sing N N 226 
GLU CB    HB3    sing N N 227 
GLU CG    CD     sing N N 228 
GLU CG    HG2    sing N N 229 
GLU CG    HG3    sing N N 230 
GLU CD    OE1    doub N N 231 
GLU CD    OE2    sing N N 232 
GLU OE2   HE2    sing N N 233 
GLU OXT   HXT    sing N N 234 
GLY N     CA     sing N N 235 
GLY N     H      sing N N 236 
GLY N     H2     sing N N 237 
GLY CA    C      sing N N 238 
GLY CA    HA2    sing N N 239 
GLY CA    HA3    sing N N 240 
GLY C     O      doub N N 241 
GLY C     OXT    sing N N 242 
GLY OXT   HXT    sing N N 243 
HIS N     CA     sing N N 244 
HIS N     H      sing N N 245 
HIS N     H2     sing N N 246 
HIS CA    C      sing N N 247 
HIS CA    CB     sing N N 248 
HIS CA    HA     sing N N 249 
HIS C     O      doub N N 250 
HIS C     OXT    sing N N 251 
HIS CB    CG     sing N N 252 
HIS CB    HB2    sing N N 253 
HIS CB    HB3    sing N N 254 
HIS CG    ND1    sing Y N 255 
HIS CG    CD2    doub Y N 256 
HIS ND1   CE1    doub Y N 257 
HIS ND1   HD1    sing N N 258 
HIS CD2   NE2    sing Y N 259 
HIS CD2   HD2    sing N N 260 
HIS CE1   NE2    sing Y N 261 
HIS CE1   HE1    sing N N 262 
HIS NE2   HE2    sing N N 263 
HIS OXT   HXT    sing N N 264 
ILE N     CA     sing N N 265 
ILE N     H      sing N N 266 
ILE N     H2     sing N N 267 
ILE CA    C      sing N N 268 
ILE CA    CB     sing N N 269 
ILE CA    HA     sing N N 270 
ILE C     O      doub N N 271 
ILE C     OXT    sing N N 272 
ILE CB    CG1    sing N N 273 
ILE CB    CG2    sing N N 274 
ILE CB    HB     sing N N 275 
ILE CG1   CD1    sing N N 276 
ILE CG1   HG12   sing N N 277 
ILE CG1   HG13   sing N N 278 
ILE CG2   HG21   sing N N 279 
ILE CG2   HG22   sing N N 280 
ILE CG2   HG23   sing N N 281 
ILE CD1   HD11   sing N N 282 
ILE CD1   HD12   sing N N 283 
ILE CD1   HD13   sing N N 284 
ILE OXT   HXT    sing N N 285 
LEU N     CA     sing N N 286 
LEU N     H      sing N N 287 
LEU N     H2     sing N N 288 
LEU CA    C      sing N N 289 
LEU CA    CB     sing N N 290 
LEU CA    HA     sing N N 291 
LEU C     O      doub N N 292 
LEU C     OXT    sing N N 293 
LEU CB    CG     sing N N 294 
LEU CB    HB2    sing N N 295 
LEU CB    HB3    sing N N 296 
LEU CG    CD1    sing N N 297 
LEU CG    CD2    sing N N 298 
LEU CG    HG     sing N N 299 
LEU CD1   HD11   sing N N 300 
LEU CD1   HD12   sing N N 301 
LEU CD1   HD13   sing N N 302 
LEU CD2   HD21   sing N N 303 
LEU CD2   HD22   sing N N 304 
LEU CD2   HD23   sing N N 305 
LEU OXT   HXT    sing N N 306 
LYS N     CA     sing N N 307 
LYS N     H      sing N N 308 
LYS N     H2     sing N N 309 
LYS CA    C      sing N N 310 
LYS CA    CB     sing N N 311 
LYS CA    HA     sing N N 312 
LYS C     O      doub N N 313 
LYS C     OXT    sing N N 314 
LYS CB    CG     sing N N 315 
LYS CB    HB2    sing N N 316 
LYS CB    HB3    sing N N 317 
LYS CG    CD     sing N N 318 
LYS CG    HG2    sing N N 319 
LYS CG    HG3    sing N N 320 
LYS CD    CE     sing N N 321 
LYS CD    HD2    sing N N 322 
LYS CD    HD3    sing N N 323 
LYS CE    NZ     sing N N 324 
LYS CE    HE2    sing N N 325 
LYS CE    HE3    sing N N 326 
LYS NZ    HZ1    sing N N 327 
LYS NZ    HZ2    sing N N 328 
LYS NZ    HZ3    sing N N 329 
LYS OXT   HXT    sing N N 330 
MET N     CA     sing N N 331 
MET N     H      sing N N 332 
MET N     H2     sing N N 333 
MET CA    C      sing N N 334 
MET CA    CB     sing N N 335 
MET CA    HA     sing N N 336 
MET C     O      doub N N 337 
MET C     OXT    sing N N 338 
MET CB    CG     sing N N 339 
MET CB    HB2    sing N N 340 
MET CB    HB3    sing N N 341 
MET CG    SD     sing N N 342 
MET CG    HG2    sing N N 343 
MET CG    HG3    sing N N 344 
MET SD    CE     sing N N 345 
MET CE    HE1    sing N N 346 
MET CE    HE2    sing N N 347 
MET CE    HE3    sing N N 348 
MET OXT   HXT    sing N N 349 
PHE N     CA     sing N N 350 
PHE N     H      sing N N 351 
PHE N     H2     sing N N 352 
PHE CA    C      sing N N 353 
PHE CA    CB     sing N N 354 
PHE CA    HA     sing N N 355 
PHE C     O      doub N N 356 
PHE C     OXT    sing N N 357 
PHE CB    CG     sing N N 358 
PHE CB    HB2    sing N N 359 
PHE CB    HB3    sing N N 360 
PHE CG    CD1    doub Y N 361 
PHE CG    CD2    sing Y N 362 
PHE CD1   CE1    sing Y N 363 
PHE CD1   HD1    sing N N 364 
PHE CD2   CE2    doub Y N 365 
PHE CD2   HD2    sing N N 366 
PHE CE1   CZ     doub Y N 367 
PHE CE1   HE1    sing N N 368 
PHE CE2   CZ     sing Y N 369 
PHE CE2   HE2    sing N N 370 
PHE CZ    HZ     sing N N 371 
PHE OXT   HXT    sing N N 372 
PRO N     CA     sing N N 373 
PRO N     CD     sing N N 374 
PRO N     H      sing N N 375 
PRO CA    C      sing N N 376 
PRO CA    CB     sing N N 377 
PRO CA    HA     sing N N 378 
PRO C     O      doub N N 379 
PRO C     OXT    sing N N 380 
PRO CB    CG     sing N N 381 
PRO CB    HB2    sing N N 382 
PRO CB    HB3    sing N N 383 
PRO CG    CD     sing N N 384 
PRO CG    HG2    sing N N 385 
PRO CG    HG3    sing N N 386 
PRO CD    HD2    sing N N 387 
PRO CD    HD3    sing N N 388 
PRO OXT   HXT    sing N N 389 
SER N     CA     sing N N 390 
SER N     H      sing N N 391 
SER N     H2     sing N N 392 
SER CA    C      sing N N 393 
SER CA    CB     sing N N 394 
SER CA    HA     sing N N 395 
SER C     O      doub N N 396 
SER C     OXT    sing N N 397 
SER CB    OG     sing N N 398 
SER CB    HB2    sing N N 399 
SER CB    HB3    sing N N 400 
SER OG    HG     sing N N 401 
SER OXT   HXT    sing N N 402 
THR N     CA     sing N N 403 
THR N     H      sing N N 404 
THR N     H2     sing N N 405 
THR CA    C      sing N N 406 
THR CA    CB     sing N N 407 
THR CA    HA     sing N N 408 
THR C     O      doub N N 409 
THR C     OXT    sing N N 410 
THR CB    OG1    sing N N 411 
THR CB    CG2    sing N N 412 
THR CB    HB     sing N N 413 
THR OG1   HG1    sing N N 414 
THR CG2   HG21   sing N N 415 
THR CG2   HG22   sing N N 416 
THR CG2   HG23   sing N N 417 
THR OXT   HXT    sing N N 418 
TYR N     CA     sing N N 419 
TYR N     H      sing N N 420 
TYR N     H2     sing N N 421 
TYR CA    C      sing N N 422 
TYR CA    CB     sing N N 423 
TYR CA    HA     sing N N 424 
TYR C     O      doub N N 425 
TYR C     OXT    sing N N 426 
TYR CB    CG     sing N N 427 
TYR CB    HB2    sing N N 428 
TYR CB    HB3    sing N N 429 
TYR CG    CD1    doub Y N 430 
TYR CG    CD2    sing Y N 431 
TYR CD1   CE1    sing Y N 432 
TYR CD1   HD1    sing N N 433 
TYR CD2   CE2    doub Y N 434 
TYR CD2   HD2    sing N N 435 
TYR CE1   CZ     doub Y N 436 
TYR CE1   HE1    sing N N 437 
TYR CE2   CZ     sing Y N 438 
TYR CE2   HE2    sing N N 439 
TYR CZ    OH     sing N N 440 
TYR OH    HH     sing N N 441 
TYR OXT   HXT    sing N N 442 
U   OP3   P      sing N N 443 
U   OP3   HOP3   sing N N 444 
U   P     OP1    doub N N 445 
U   P     OP2    sing N N 446 
U   P     "O5'"  sing N N 447 
U   OP2   HOP2   sing N N 448 
U   "O5'" "C5'"  sing N N 449 
U   "C5'" "C4'"  sing N N 450 
U   "C5'" "H5'"  sing N N 451 
U   "C5'" "H5''" sing N N 452 
U   "C4'" "O4'"  sing N N 453 
U   "C4'" "C3'"  sing N N 454 
U   "C4'" "H4'"  sing N N 455 
U   "O4'" "C1'"  sing N N 456 
U   "C3'" "O3'"  sing N N 457 
U   "C3'" "C2'"  sing N N 458 
U   "C3'" "H3'"  sing N N 459 
U   "O3'" "HO3'" sing N N 460 
U   "C2'" "O2'"  sing N N 461 
U   "C2'" "C1'"  sing N N 462 
U   "C2'" "H2'"  sing N N 463 
U   "O2'" "HO2'" sing N N 464 
U   "C1'" N1     sing N N 465 
U   "C1'" "H1'"  sing N N 466 
U   N1    C2     sing N N 467 
U   N1    C6     sing N N 468 
U   C2    O2     doub N N 469 
U   C2    N3     sing N N 470 
U   N3    C4     sing N N 471 
U   N3    H3     sing N N 472 
U   C4    O4     doub N N 473 
U   C4    C5     sing N N 474 
U   C5    C6     doub N N 475 
U   C5    H5     sing N N 476 
U   C6    H6     sing N N 477 
VAL N     CA     sing N N 478 
VAL N     H      sing N N 479 
VAL N     H2     sing N N 480 
VAL CA    C      sing N N 481 
VAL CA    CB     sing N N 482 
VAL CA    HA     sing N N 483 
VAL C     O      doub N N 484 
VAL C     OXT    sing N N 485 
VAL CB    CG1    sing N N 486 
VAL CB    CG2    sing N N 487 
VAL CB    HB     sing N N 488 
VAL CG1   HG11   sing N N 489 
VAL CG1   HG12   sing N N 490 
VAL CG1   HG13   sing N N 491 
VAL CG2   HG21   sing N N 492 
VAL CG2   HG22   sing N N 493 
VAL CG2   HG23   sing N N 494 
VAL OXT   HXT    sing N N 495 
# 
_em_image_processing.id                   1 
_em_image_processing.image_recording_id   1 
_em_image_processing.details              ? 
# 
_em_image_recording.avg_electron_dose_per_image   200 
_em_image_recording.details                       ? 
_em_image_recording.id                            1 
_em_image_recording.film_or_detector_model        'KODAK SO-163 FILM' 
_em_image_recording.imaging_id                    1 
_em_image_recording.detector_mode                 ? 
_em_image_recording.average_exposure_time         ? 
_em_image_recording.num_diffraction_images        ? 
_em_image_recording.num_grids_imaged              ? 
_em_image_recording.num_real_images               ? 
# 
_em_specimen.experiment_id           1 
_em_specimen.id                      1 
_em_specimen.concentration           ? 
_em_specimen.vitrification_applied   YES 
_em_specimen.staining_applied        NO 
_em_specimen.embedding_applied       NO 
_em_specimen.shadowing_applied       NO 
_em_specimen.details                 ? 
# 
loop_
_pdbx_coordinate_model.asym_id 
_pdbx_coordinate_model.type 
A 'P ATOMS ONLY'  
B 'CA ATOMS ONLY' 
# 
_atom_sites.entry_id                    1R2X 
_atom_sites.fract_transf_matrix[1][1]   1.000000 
_atom_sites.fract_transf_matrix[1][2]   0.000000 
_atom_sites.fract_transf_matrix[1][3]   0.000000 
_atom_sites.fract_transf_matrix[2][1]   0.000000 
_atom_sites.fract_transf_matrix[2][2]   1.000000 
_atom_sites.fract_transf_matrix[2][3]   0.000000 
_atom_sites.fract_transf_matrix[3][1]   0.000000 
_atom_sites.fract_transf_matrix[3][2]   0.000000 
_atom_sites.fract_transf_matrix[3][3]   1.000000 
_atom_sites.fract_transf_vector[1]      0.00000 
_atom_sites.fract_transf_vector[2]      0.00000 
_atom_sites.fract_transf_vector[3]      0.00000 
# 
loop_
_atom_type.symbol 
C 
P 
# 
loop_
_atom_site.group_PDB 
_atom_site.id 
_atom_site.type_symbol 
_atom_site.label_atom_id 
_atom_site.label_alt_id 
_atom_site.label_comp_id 
_atom_site.label_asym_id 
_atom_site.label_entity_id 
_atom_site.label_seq_id 
_atom_site.pdbx_PDB_ins_code 
_atom_site.Cartn_x 
_atom_site.Cartn_y 
_atom_site.Cartn_z 
_atom_site.occupancy 
_atom_site.B_iso_or_equiv 
_atom_site.pdbx_formal_charge 
_atom_site.auth_seq_id 
_atom_site.auth_comp_id 
_atom_site.auth_asym_id 
_atom_site.auth_atom_id 
_atom_site.pdbx_PDB_model_num 
ATOM 1   P P  . C   A 1 2   ? -10.390 -32.230 -24.980 1.00 50.79  ? 1   C   C P  1 
ATOM 2   P P  . U   A 1 3   ? -5.771  -33.364 -21.090 1.00 53.77  ? 2   U   C P  1 
ATOM 3   P P  . G   A 1 4   ? -1.132  -30.799 -17.858 1.00 62.77  ? 3   G   C P  1 
ATOM 4   P P  . G   A 1 5   ? 1.696   -25.522 -16.028 1.00 66.88  ? 4   G   C P  1 
ATOM 5   P P  . G   A 1 6   ? 2.083   -19.386 -15.350 1.00 49.25  ? 5   G   C P  1 
ATOM 6   P P  . A   A 1 7   ? -1.631  -14.525 -14.804 1.00 36.51  ? 6   A   C P  1 
ATOM 7   P P  . U   A 1 8   ? 2.621   -11.363 -10.913 1.00 33.80  ? 7   U   C P  1 
ATOM 8   P P  . G   A 1 9   ? 4.730   -6.216  -8.662  1.00 30.00  ? 8   G   C P  1 
ATOM 9   P P  . U   A 1 10  ? 2.046   -1.132  -6.810  1.00 31.42  ? 9   U   C P  1 
ATOM 10  P P  . U   A 1 11  ? -2.379  -5.994  -5.780  1.00 28.90  ? 10  U   C P  1 
ATOM 11  P P  . G   A 1 12  ? -6.777  -2.684  -8.586  1.00 27.54  ? 11  G   C P  1 
ATOM 12  P P  . G   A 1 13  ? -6.107  2.895   -6.467  1.00 32.90  ? 12  G   C P  1 
ATOM 13  P P  . C   A 1 14  ? -9.529  7.005   -4.920  1.00 32.63  ? 13  C   C P  1 
ATOM 14  P P  . U   A 1 15  ? -15.016 8.590   -3.066  1.00 31.56  ? 14  U   C P  1 
ATOM 15  P P  . U   A 1 16  ? -20.079 6.573   -0.648  1.00 38.85  ? 15  U   C P  1 
ATOM 16  P P  . A   A 1 17  ? -20.964 2.592   3.411   1.00 46.85  ? 16  A   C P  1 
ATOM 17  P P  . G   A 1 18  ? -15.737 -0.115  3.146   1.00 39.02  ? 17  G   C P  1 
ATOM 18  P P  . A   A 1 19  ? -12.981 -2.292  -0.674  1.00 35.85  ? 18  A   C P  1 
ATOM 19  P P  . A   A 1 20  ? -12.796 -1.596  -7.118  1.00 33.11  ? 19  A   C P  1 
ATOM 20  P P  . G   A 1 21  ? -8.824  -7.468  -8.812  1.00 29.75  ? 20  G   C P  1 
ATOM 21  P P  . C   A 1 22  ? -13.914 -5.089  -10.814 1.00 27.21  ? 21  C   C P  1 
ATOM 22  P P  . A   A 1 23  ? -19.693 -7.845  -10.946 1.00 33.99  ? 22  A   C P  1 
ATOM 23  P P  . G   A 1 24  ? -23.574 -3.450  -13.435 1.00 37.49  ? 23  G   C P  1 
ATOM 24  P P  . C   A 1 25  ? -23.487 2.328   -14.939 1.00 35.74  ? 24  C   C P  1 
ATOM 25  P P  . C   A 1 26  ? -19.831 6.729   -16.653 1.00 42.91  ? 25  C   C P  1 
ATOM 26  P P  . A   A 1 27  ? -14.586 7.300   -19.063 1.00 34.53  ? 26  A   C P  1 
ATOM 27  P P  . U   A 1 28  ? -9.088  6.635   -21.380 1.00 29.17  ? 27  U   C P  1 
ATOM 28  P P  . C   A 1 29  ? -6.630  3.320   -24.019 1.00 28.61  ? 28  C   C P  1 
ATOM 29  P P  . A   A 1 30  ? 0.204   3.887   -23.585 1.00 32.18  ? 29  A   C P  1 
ATOM 30  P P  . U   A 1 31  ? 5.324   0.784   -22.571 1.00 29.01  ? 30  U   C P  1 
ATOM 31  P P  . U   A 1 32  ? 9.946   -3.174  -20.417 1.00 43.16  ? 31  U   C P  1 
ATOM 32  P P  . U   A 1 33  ? 12.026  -8.734  -20.478 1.00 44.11  ? 32  U   C P  1 
ATOM 33  P P  . A   A 1 34  ? 10.548  -13.676 -25.185 1.00 46.22  ? 33  A   C P  1 
ATOM 34  P P  . A   A 1 35  ? 5.453   -12.126 -27.513 1.00 32.91  ? 34  A   C P  1 
ATOM 35  P P  . A   A 1 36  ? 0.435   -9.954  -24.982 1.00 38.44  ? 35  A   C P  1 
ATOM 36  P P  . G   A 1 37  ? -3.217  -7.465  -21.116 1.00 30.97  ? 36  G   C P  1 
ATOM 37  P P  . A   A 1 38  ? -6.467  -3.107  -22.194 1.00 23.48  ? 37  A   C P  1 
ATOM 38  P P  . G   A 1 39  ? -10.540 -4.185  -16.810 1.00 26.48  ? 38  G   C P  1 
ATOM 39  P P  . U   A 1 40  ? -14.425 -8.214  -20.950 1.00 43.14  ? 39  U   C P  1 
ATOM 40  P P  . G   A 1 41  ? -19.694 -11.275 -20.281 1.00 58.06  ? 40  G   C P  1 
ATOM 41  P P  . C   A 1 42  ? -22.600 -15.123 -15.965 1.00 78.16  ? 41  C   C P  1 
ATOM 42  P P  . G   A 1 43  ? -23.144 -18.808 -10.829 1.00 59.69  ? 42  G   C P  1 
ATOM 43  P P  . U   A 1 44  ? -22.188 -18.331 -5.110  1.00 48.86  ? 43  U   C P  1 
ATOM 44  P P  . A   A 1 45  ? -21.591 -15.181 -0.086  1.00 56.22  ? 44  A   C P  1 
ATOM 45  P P  . A   A 1 46  ? -20.766 -10.935 -3.514  1.00 33.71  ? 45  A   C P  1 
ATOM 46  P P  . C   A 1 47  ? -14.716 -9.912  -6.358  1.00 34.58  ? 46  C   C P  1 
ATOM 47  P P  . A   A 1 48  ? -9.027  -12.633 -5.501  1.00 38.47  ? 47  A   C P  1 
ATOM 48  P P  . G   A 1 49  ? -7.034  -18.439 -4.268  1.00 52.26  ? 48  G   C P  1 
ATOM 49  P P  . C   A 1 50  ? -8.350  -22.808 -7.930  1.00 62.31  ? 49  C   C P  1 
ATOM 50  P P  . U   A 1 51  ? -9.624  -24.009 -13.829 1.00 60.70  ? 50  U   C P  1 
ATOM 51  P P  . C   A 1 52  ? -9.904  -22.156 -19.798 1.00 56.93  ? 51  C   C P  1 
ATOM 52  P P  . A   A 1 53  ? -9.795  -18.785 -24.893 1.00 46.37  ? 52  A   C P  1 
ATOM 53  P P  . C   A 1 54  ? -8.349  -14.232 -28.379 1.00 47.34  ? 53  C   C P  1 
ATOM 54  P P  . C   A 1 55  ? -2.796  -15.037 -29.797 1.00 45.15  ? 54  C   C P  1 
ATOM 55  P P  . A   A 1 56  ? 1.968   -18.755 -30.531 1.00 49.11  ? 55  A   C P  1 
ATOM 56  P P  . G   A 1 57  ? 5.586   -23.718 -30.777 1.00 58.93  ? 56  G   C P  1 
ATOM 57  P P  . C   A 1 58  ? 6.304   -29.885 -30.770 1.00 71.15  ? 57  C   C P  1 
ATOM 58  C CA . ILE B 2 8   ? -1.214  -12.773 2.149   1.00 80.39  ? 2   ILE A CA 1 
ATOM 59  C CA . LYS B 2 9   ? -1.388  -9.118  3.291   1.00 77.55  ? 3   LYS A CA 1 
ATOM 60  C CA . LEU B 2 10  ? -3.999  -6.591  4.502   1.00 77.13  ? 4   LEU A CA 1 
ATOM 61  C CA . GLN B 2 11  ? -4.288  -3.005  5.828   1.00 82.10  ? 5   GLN A CA 1 
ATOM 62  C CA . LEU B 2 12  ? -5.348  -2.307  9.434   1.00 79.90  ? 6   LEU A CA 1 
ATOM 63  C CA . PRO B 2 13  ? -5.060  0.643   11.868  1.00 76.54  ? 7   PRO A CA 1 
ATOM 64  C CA . ALA B 2 14  ? -1.600  0.193   13.429  1.00 82.83  ? 8   ALA A CA 1 
ATOM 65  C CA . GLY B 2 15  ? -1.736  -0.003  17.232  1.00 98.24  ? 9   GLY A CA 1 
ATOM 66  C CA . LYS B 2 16  ? -4.992  -2.006  17.539  1.00 98.41  ? 10  LYS A CA 1 
ATOM 67  C CA . ALA B 2 17  ? -6.858  -5.063  16.201  1.00 96.77  ? 11  ALA A CA 1 
ATOM 68  C CA . THR B 2 18  ? -9.317  -7.723  17.558  1.00 98.62  ? 12  THR A CA 1 
ATOM 69  C CA . PRO B 2 19  ? -12.651 -7.039  15.673  1.00 100.00 ? 13  PRO A CA 1 
ATOM 70  C CA . ALA B 2 20  ? -13.923 -10.331 14.215  1.00 100.00 ? 14  ALA A CA 1 
ATOM 71  C CA . PRO B 2 21  ? -15.509 -9.087  10.919  1.00 100.00 ? 15  PRO A CA 1 
ATOM 72  C CA . PRO B 2 22  ? -12.375 -7.351  9.426   1.00 100.00 ? 16  PRO A CA 1 
ATOM 73  C CA . VAL B 2 23  ? -9.654  -9.541  10.974  1.00 95.98  ? 17  VAL A CA 1 
ATOM 74  C CA . GLY B 2 24  ? -11.154 -12.993 11.752  1.00 94.07  ? 18  GLY A CA 1 
ATOM 75  C CA . PRO B 2 25  ? -12.103 -14.580 8.383   1.00 93.06  ? 19  PRO A CA 1 
ATOM 76  C CA . ALA B 2 26  ? -9.565  -12.761 6.166   1.00 96.04  ? 20  ALA A CA 1 
ATOM 77  C CA . LEU B 2 27  ? -6.274  -14.232 7.494   1.00 92.03  ? 21  LEU A CA 1 
ATOM 78  C CA . GLY B 2 28  ? -7.711  -16.982 9.779   1.00 88.78  ? 22  GLY A CA 1 
ATOM 79  C CA . GLN B 2 29  ? -8.631  -19.166 6.777   1.00 91.11  ? 23  GLN A CA 1 
ATOM 80  C CA . HIS B 2 30  ? -4.917  -19.392 5.791   1.00 94.53  ? 24  HIS A CA 1 
ATOM 81  C CA . GLY B 2 31  ? -4.021  -20.985 9.177   1.00 90.69  ? 25  GLY A CA 1 
ATOM 82  C CA . VAL B 2 32  ? -3.515  -18.008 11.521  1.00 90.50  ? 26  VAL A CA 1 
ATOM 83  C CA . ASN B 2 33  ? -4.209  -17.822 15.266  1.00 94.89  ? 27  ASN A CA 1 
ATOM 84  C CA . ILE B 2 34  ? -6.291  -14.611 15.480  1.00 97.32  ? 28  ILE A CA 1 
ATOM 85  C CA . MET B 2 35  ? -5.573  -13.744 19.146  1.00 99.82  ? 29  MET A CA 1 
ATOM 86  C CA . GLU B 2 36  ? -1.836  -14.427 18.639  1.00 92.68  ? 30  GLU A CA 1 
ATOM 87  C CA . PHE B 2 37  ? -1.823  -12.176 15.530  1.00 95.14  ? 31  PHE A CA 1 
ATOM 88  C CA . CYS B 2 38  ? -3.642  -9.323  17.316  1.00 95.64  ? 32  CYS A CA 1 
ATOM 89  C CA . LYS B 2 39  ? -1.275  -9.407  20.335  1.00 96.22  ? 33  LYS A CA 1 
ATOM 90  C CA . ARG B 2 40  ? 1.994   -9.719  18.364  1.00 89.97  ? 34  ARG A CA 1 
ATOM 91  C CA . PHE B 2 41  ? 0.833   -7.056  15.855  1.00 82.17  ? 35  PHE A CA 1 
ATOM 92  C CA . ASN B 2 42  ? -0.473  -4.482  18.393  1.00 86.52  ? 36  ASN A CA 1 
ATOM 93  C CA . ALA B 2 43  ? 2.705   -4.792  20.551  1.00 84.79  ? 37  ALA A CA 1 
ATOM 94  C CA . GLU B 2 44  ? 5.189   -2.882  18.325  1.00 90.10  ? 38  GLU A CA 1 
ATOM 95  C CA . THR B 2 45  ? 2.558   -1.077  16.194  1.00 91.97  ? 39  THR A CA 1 
ATOM 96  C CA . ALA B 2 46  ? 1.387   0.752   19.367  1.00 93.30  ? 40  ALA A CA 1 
ATOM 97  C CA . ASP B 2 47  ? 4.453   2.967   18.698  1.00 100.00 ? 41  ASP A CA 1 
ATOM 98  C CA . LYS B 2 48  ? 2.961   3.978   15.297  1.00 99.10  ? 42  LYS A CA 1 
ATOM 99  C CA . ALA B 2 49  ? -0.693  3.977   16.499  1.00 93.02  ? 43  ALA A CA 1 
ATOM 100 C CA . GLY B 2 50  ? -3.717  5.169   14.481  1.00 90.09  ? 44  GLY A CA 1 
ATOM 101 C CA . MET B 2 51  ? -2.026  5.162   11.044  1.00 88.05  ? 45  MET A CA 1 
ATOM 102 C CA . ILE B 2 52  ? -3.457  2.655   8.525   1.00 76.40  ? 46  ILE A CA 1 
ATOM 103 C CA . LEU B 2 53  ? -0.711  0.482   6.921   1.00 75.31  ? 47  LEU A CA 1 
ATOM 104 C CA . PRO B 2 54  ? -0.265  -3.095  5.532   1.00 73.63  ? 48  PRO A CA 1 
ATOM 105 C CA . VAL B 2 55  ? 1.107   -6.142  7.375   1.00 70.19  ? 49  VAL A CA 1 
ATOM 106 C CA . VAL B 2 56  ? 2.416   -9.084  5.294   1.00 73.93  ? 50  VAL A CA 1 
ATOM 107 C CA . ILE B 2 57  ? 1.135   -12.343 6.862   1.00 77.59  ? 51  ILE A CA 1 
ATOM 108 C CA . THR B 2 58  ? 3.523   -15.177 5.857   1.00 82.77  ? 52  THR A CA 1 
ATOM 109 C CA . VAL B 2 59  ? 1.790   -18.421 6.963   1.00 85.45  ? 53  VAL A CA 1 
ATOM 110 C CA . TYR B 2 60  ? 3.369   -21.905 7.358   1.00 88.03  ? 54  TYR A CA 1 
ATOM 111 C CA . GLU B 2 61  ? 2.260   -25.565 7.065   1.00 86.30  ? 55  GLU A CA 1 
ATOM 112 C CA . ASP B 2 62  ? 1.937   -25.963 10.888  1.00 83.65  ? 56  ASP A CA 1 
ATOM 113 C CA . LYS B 2 63  ? -0.579  -23.038 11.001  1.00 89.76  ? 57  LYS A CA 1 
ATOM 114 C CA . SER B 2 64  ? 2.210   -20.812 12.396  1.00 87.60  ? 58  SER A CA 1 
ATOM 115 C CA . PHE B 2 65  ? 2.819   -17.397 10.826  1.00 86.65  ? 59  PHE A CA 1 
ATOM 116 C CA . THR B 2 66  ? 5.357   -14.535 10.910  1.00 79.66  ? 60  THR A CA 1 
ATOM 117 C CA . PHE B 2 67  ? 5.060   -11.065 9.375   1.00 76.33  ? 61  PHE A CA 1 
ATOM 118 C CA . ILE B 2 68  ? 6.535   -7.612  8.716   1.00 70.90  ? 62  ILE A CA 1 
ATOM 119 C CA . ILE B 2 69  ? 4.842   -4.183  8.847   1.00 65.88  ? 63  ILE A CA 1 
ATOM 120 C CA . LYS B 2 70  ? 5.268   -2.081  5.658   1.00 49.56  ? 64  LYS A CA 1 
ATOM 121 C CA . THR B 2 71  ? 4.671   1.686   5.254   1.00 48.54  ? 65  THR A CA 1 
ATOM 122 C CA . GLU B 2 72  ? 2.622   0.868   2.103   1.00 39.98  ? 66  GLU A CA 1 
ATOM 123 C CA . PRO B 2 73  ? 2.733   0.734   -1.253  1.00 39.98  ? 67  PRO A CA 1 
ATOM 124 C CA . PRO B 2 74  ? 0.438   1.637   -4.235  1.00 35.21  ? 68  PRO A CA 1 
ATOM 125 C CA . ALA B 2 75  ? 1.992   3.919   -6.884  1.00 29.59  ? 69  ALA A CA 1 
ATOM 126 C CA . SER B 2 76  ? -1.422  5.630   -6.818  1.00 31.31  ? 70  SER A CA 1 
ATOM 127 C CA . PHE B 2 77  ? -0.955  6.627   -3.119  1.00 34.16  ? 71  PHE A CA 1 
ATOM 128 C CA . LEU B 2 78  ? 2.510   8.031   -3.908  1.00 42.01  ? 72  LEU A CA 1 
ATOM 129 C CA . LEU B 2 79  ? 0.991   9.972   -6.868  1.00 34.91  ? 73  LEU A CA 1 
ATOM 130 C CA . LYS B 2 80  ? -1.917  11.381  -4.752  1.00 38.30  ? 74  LYS A CA 1 
ATOM 131 C CA . LYS B 2 81  ? 0.587   12.574  -2.116  1.00 38.23  ? 75  LYS A CA 1 
ATOM 132 C CA . ALA B 2 82  ? 3.039   13.873  -4.788  1.00 43.40  ? 76  ALA A CA 1 
ATOM 133 C CA . ALA B 2 83  ? 0.267   15.867  -6.539  1.00 44.61  ? 77  ALA A CA 1 
ATOM 134 C CA . GLY B 2 84  ? -0.802  17.124  -3.078  1.00 37.87  ? 78  GLY A CA 1 
ATOM 135 C CA . ILE B 2 85  ? -4.327  15.642  -2.934  1.00 37.65  ? 79  ILE A CA 1 
ATOM 136 C CA . GLU B 2 86  ? -5.946  13.174  -0.506  1.00 47.13  ? 80  GLU A CA 1 
ATOM 137 C CA . LYS B 2 87  ? -7.946  11.121  -3.063  1.00 38.76  ? 81  LYS A CA 1 
ATOM 138 C CA . GLY B 2 88  ? -8.098  10.604  -6.850  1.00 33.53  ? 82  GLY A CA 1 
ATOM 139 C CA . SER B 2 89  ? -10.673 11.708  -9.454  1.00 31.79  ? 83  SER A CA 1 
ATOM 140 C CA . SER B 2 90  ? -14.278 10.460  -9.329  1.00 35.62  ? 84  SER A CA 1 
ATOM 141 C CA . GLU B 2 91  ? -14.018 10.305  -13.152 1.00 38.55  ? 85  GLU A CA 1 
ATOM 142 C CA . PRO B 2 92  ? -10.341 10.262  -14.340 1.00 37.71  ? 86  PRO A CA 1 
ATOM 143 C CA . LYS B 2 93  ? -9.504  12.015  -17.674 1.00 36.65  ? 87  LYS A CA 1 
ATOM 144 C CA . ARG B 2 94  ? -12.946 13.727  -17.772 1.00 29.80  ? 88  ARG A CA 1 
ATOM 145 C CA . LYS B 2 95  ? -12.193 15.349  -14.384 1.00 30.94  ? 89  LYS A CA 1 
ATOM 146 C CA . ILE B 2 96  ? -8.580  16.211  -13.437 1.00 31.34  ? 90  ILE A CA 1 
ATOM 147 C CA . VAL B 2 97  ? -7.814  16.526  -9.690  1.00 29.74  ? 91  VAL A CA 1 
ATOM 148 C CA . GLY B 2 98  ? -4.086  17.361  -9.902  1.00 35.16  ? 92  GLY A CA 1 
ATOM 149 C CA . LYS B 2 99  ? -0.764  16.767  -11.666 1.00 40.57  ? 93  LYS A CA 1 
ATOM 150 C CA . VAL B 2 100 ? 2.878   15.831  -10.973 1.00 41.33  ? 94  VAL A CA 1 
ATOM 151 C CA . THR B 2 101 ? 6.140   16.707  -12.749 1.00 42.43  ? 95  THR A CA 1 
ATOM 152 C CA . ARG B 2 102 ? 8.055   14.163  -14.874 1.00 49.44  ? 96  ARG A CA 1 
ATOM 153 C CA . LYS B 2 103 ? 10.743  14.672  -12.185 1.00 51.76  ? 97  LYS A CA 1 
ATOM 154 C CA . GLN B 2 104 ? 8.302   13.450  -9.482  1.00 44.08  ? 98  GLN A CA 1 
ATOM 155 C CA . ILE B 2 105 ? 7.483   10.500  -11.799 1.00 35.57  ? 99  ILE A CA 1 
ATOM 156 C CA . GLU B 2 106 ? 11.269  9.795   -11.952 1.00 53.52  ? 100 GLU A CA 1 
ATOM 157 C CA . GLU B 2 107 ? 11.498  9.946   -8.121  1.00 52.07  ? 101 GLU A CA 1 
ATOM 158 C CA . ILE B 2 108 ? 8.532   7.556   -7.586  1.00 39.41  ? 102 ILE A CA 1 
ATOM 159 C CA . ALA B 2 109 ? 9.918   5.169   -10.248 1.00 42.41  ? 103 ALA A CA 1 
ATOM 160 C CA . LYS B 2 110 ? 13.298  5.285   -8.426  1.00 44.59  ? 104 LYS A CA 1 
ATOM 161 C CA . THR B 2 111 ? 11.703  4.475   -5.027  1.00 42.63  ? 105 THR A CA 1 
ATOM 162 C CA . LYS B 2 112 ? 9.937   1.346   -6.400  1.00 42.77  ? 106 LYS A CA 1 
ATOM 163 C CA . MET B 2 113 ? 12.614  0.404   -9.004  1.00 41.26  ? 107 MET A CA 1 
ATOM 164 C CA . PRO B 2 114 ? 13.001  -3.263  -7.813  1.00 29.51  ? 108 PRO A CA 1 
ATOM 165 C CA . ASP B 2 115 ? 9.182   -3.699  -7.605  1.00 36.41  ? 109 ASP A CA 1 
ATOM 166 C CA . LEU B 2 116 ? 8.557   -2.443  -11.163 1.00 33.57  ? 110 LEU A CA 1 
ATOM 167 C CA . ASN B 2 117 ? 9.444   -5.122  -13.770 1.00 33.28  ? 111 ASN A CA 1 
ATOM 168 C CA . ALA B 2 118 ? 10.694  -2.345  -16.160 1.00 41.18  ? 112 ALA A CA 1 
ATOM 169 C CA . ASN B 2 119 ? 14.104  -2.948  -17.797 1.00 42.41  ? 113 ASN A CA 1 
ATOM 170 C CA . SER B 2 120 ? 14.795  0.783   -18.320 1.00 43.86  ? 114 SER A CA 1 
ATOM 171 C CA . LEU B 2 121 ? 14.265  3.982   -16.306 1.00 44.83  ? 115 LEU A CA 1 
ATOM 172 C CA . GLU B 2 122 ? 12.040  5.180   -19.188 1.00 47.46  ? 116 GLU A CA 1 
ATOM 173 C CA . ALA B 2 123 ? 9.912   2.019   -18.861 1.00 38.97  ? 117 ALA A CA 1 
ATOM 174 C CA . ALA B 2 124 ? 9.795   2.379   -15.043 1.00 36.26  ? 118 ALA A CA 1 
ATOM 175 C CA . MET B 2 125 ? 8.517   5.976   -15.328 1.00 34.84  ? 119 MET A CA 1 
ATOM 176 C CA . LYS B 2 126 ? 6.004   4.951   -18.048 1.00 28.15  ? 120 LYS A CA 1 
ATOM 177 C CA . ILE B 2 127 ? 4.444   2.348   -15.673 1.00 29.89  ? 121 ILE A CA 1 
ATOM 178 C CA . ILE B 2 128 ? 3.846   5.105   -13.068 1.00 27.70  ? 122 ILE A CA 1 
ATOM 179 C CA . GLU B 2 129 ? 2.469   7.375   -15.853 1.00 28.43  ? 123 GLU A CA 1 
ATOM 180 C CA . GLY B 2 130 ? 0.035   4.511   -16.616 1.00 21.91  ? 124 GLY A CA 1 
ATOM 181 C CA . THR B 2 131 ? -1.204  4.737   -12.998 1.00 25.94  ? 125 THR A CA 1 
ATOM 182 C CA . ALA B 2 132 ? -1.284  8.585   -13.066 1.00 26.64  ? 126 ALA A CA 1 
ATOM 183 C CA . LYS B 2 133 ? -3.564  8.612   -16.151 1.00 27.21  ? 127 LYS A CA 1 
ATOM 184 C CA . SER B 2 134 ? -6.210  6.312   -14.556 1.00 33.04  ? 128 SER A CA 1 
ATOM 185 C CA . MET B 2 135 ? -6.706  8.670   -11.557 1.00 25.82  ? 129 MET A CA 1 
ATOM 186 C CA . GLY B 2 136 ? -6.784  12.200  -13.102 1.00 22.84  ? 130 GLY A CA 1 
ATOM 187 C CA . ILE B 2 137 ? -3.176  13.149  -12.230 1.00 29.45  ? 131 ILE A CA 1 
ATOM 188 C CA . GLU B 2 138 ? -1.520  14.679  -15.325 1.00 39.24  ? 132 GLU A CA 1 
ATOM 189 C CA . VAL B 2 139 ? 2.236   14.761  -16.098 1.00 52.55  ? 133 VAL A CA 1 
ATOM 190 C CA . VAL B 2 140 ? 4.163   18.056  -16.560 1.00 58.40  ? 134 VAL A CA 1 
# 
